data_3I92
#
_entry.id   3I92
#
_cell.length_a   74.724
_cell.length_b   55.925
_cell.length_c   90.931
_cell.angle_alpha   90.00
_cell.angle_beta   92.09
_cell.angle_gamma   90.00
#
_symmetry.space_group_name_H-M   'P 1 21 1'
#
loop_
_entity.id
_entity.type
_entity.pdbx_description
1 polymer 'Ferrous iron transport protein B'
2 non-polymer 'MAGNESIUM ION'
3 non-polymer 'PHOSPHOMETHYLPHOSPHONIC ACID GUANYLATE ESTER'
4 water water
#
_entity_poly.entity_id   1
_entity_poly.type   'polypeptide(L)'
_entity_poly.pdbx_seq_one_letter_code
;MKKLTIGLIGNPNSGKTTLFNQLTGSRQRVGNWAGVTVERKEGQFSTTDHQVTLVDLPGTYSLTTISSQTSLDEQIACHY
ILSGDADLLINVVDASNLERNLYLTLQLLELGIPCIVALNMLDIAEKQNIRIEIDALSARLGCPVIPLVSTRGRGIEALK
LAIDRYKANENVELVHYAQPLLNEADSLAKVMPSDIPLKQRRWLGLQMLEGDIYSRAYAGEASQHLDAALARLRNEMDDP
ALHIADARYQCIAAICDVVSNTLTAEPSRFTTAV
;
_entity_poly.pdbx_strand_id   A,B,C
#
loop_
_chem_comp.id
_chem_comp.type
_chem_comp.name
_chem_comp.formula
GCP non-polymer 'PHOSPHOMETHYLPHOSPHONIC ACID GUANYLATE ESTER' 'C11 H18 N5 O13 P3'
MG non-polymer 'MAGNESIUM ION' 'Mg 2'
#
# COMPACT_ATOMS: atom_id res chain seq x y z
N MET A 1 -9.28 33.53 8.46
CA MET A 1 -9.68 32.10 8.30
C MET A 1 -8.53 31.17 8.66
N LYS A 2 -8.84 29.88 8.75
CA LYS A 2 -7.80 28.85 8.93
C LYS A 2 -7.27 28.47 7.55
N LYS A 3 -5.96 28.53 7.37
CA LYS A 3 -5.32 28.17 6.10
C LYS A 3 -4.66 26.79 6.18
N LEU A 4 -4.33 26.24 5.01
CA LEU A 4 -3.60 24.99 4.92
C LEU A 4 -2.13 25.32 5.07
N THR A 5 -1.53 24.86 6.15
CA THR A 5 -0.13 25.17 6.45
C THR A 5 0.79 24.11 5.86
N ILE A 6 1.71 24.54 4.99
CA ILE A 6 2.64 23.62 4.32
C ILE A 6 4.09 23.94 4.67
N GLY A 7 4.88 22.90 4.96
CA GLY A 7 6.29 23.03 5.28
C GLY A 7 7.18 22.62 4.11
N LEU A 8 8.03 23.54 3.66
CA LEU A 8 8.95 23.29 2.55
C LEU A 8 10.31 22.88 3.08
N ILE A 9 10.61 21.59 3.03
CA ILE A 9 11.85 21.06 3.62
C ILE A 9 12.68 20.31 2.60
N GLY A 10 14.00 20.47 2.70
CA GLY A 10 14.92 19.83 1.78
C GLY A 10 16.37 20.05 2.20
N ASN A 11 17.29 19.49 1.42
CA ASN A 11 18.72 19.68 1.67
C ASN A 11 19.15 21.08 1.27
N PRO A 12 20.33 21.51 1.77
CA PRO A 12 20.91 22.75 1.29
C PRO A 12 21.07 22.76 -0.23
N ASN A 13 20.72 23.88 -0.85
CA ASN A 13 20.95 24.08 -2.28
C ASN A 13 20.23 23.08 -3.17
N SER A 14 18.94 22.89 -2.88
CA SER A 14 18.09 22.00 -3.66
C SER A 14 17.00 22.78 -4.38
N GLY A 15 17.23 24.07 -4.57
CA GLY A 15 16.28 24.95 -5.26
C GLY A 15 15.05 25.28 -4.43
N LYS A 16 15.23 25.35 -3.12
CA LYS A 16 14.12 25.52 -2.17
C LYS A 16 13.53 26.93 -2.20
N THR A 17 14.39 27.94 -2.13
CA THR A 17 13.94 29.33 -2.10
C THR A 17 13.37 29.78 -3.46
N THR A 18 13.97 29.28 -4.54
CA THR A 18 13.48 29.59 -5.89
C THR A 18 12.04 29.12 -6.03
N LEU A 19 11.75 27.95 -5.47
CA LEU A 19 10.40 27.40 -5.45
C LEU A 19 9.48 28.27 -4.57
N PHE A 20 9.99 28.68 -3.42
CA PHE A 20 9.26 29.53 -2.49
C PHE A 20 8.77 30.81 -3.17
N ASN A 21 9.67 31.47 -3.89
CA ASN A 21 9.35 32.71 -4.62
C ASN A 21 8.40 32.44 -5.77
N GLN A 22 8.64 31.37 -6.52
CA GLN A 22 7.76 30.94 -7.62
C GLN A 22 6.31 30.70 -7.16
N LEU A 23 6.14 30.34 -5.90
CA LEU A 23 4.80 30.13 -5.32
C LEU A 23 4.23 31.41 -4.76
N THR A 24 5.00 32.05 -3.88
CA THR A 24 4.50 33.14 -3.05
C THR A 24 4.70 34.53 -3.66
N GLY A 25 5.55 34.63 -4.66
CA GLY A 25 5.85 35.92 -5.28
C GLY A 25 6.19 36.97 -4.22
N SER A 26 5.41 38.05 -4.21
CA SER A 26 5.61 39.11 -3.23
C SER A 26 4.98 38.77 -1.87
N ARG A 27 3.92 37.97 -1.88
CA ARG A 27 3.12 37.71 -0.68
C ARG A 27 3.89 36.93 0.39
N GLN A 28 4.86 37.58 1.03
CA GLN A 28 5.68 36.90 2.02
C GLN A 28 6.17 37.82 3.13
N ARG A 29 6.35 37.26 4.31
CA ARG A 29 6.84 38.00 5.46
C ARG A 29 8.12 37.35 5.99
N VAL A 30 9.06 38.18 6.43
CA VAL A 30 10.29 37.72 7.04
C VAL A 30 10.30 38.10 8.53
N GLY A 31 10.64 37.13 9.37
CA GLY A 31 10.83 37.34 10.81
C GLY A 31 11.90 36.39 11.28
N ASN A 32 11.88 36.04 12.57
CA ASN A 32 12.85 35.09 13.12
C ASN A 32 12.19 34.01 14.00
N TRP A 33 12.83 32.85 14.05
CA TRP A 33 12.37 31.76 14.90
C TRP A 33 12.57 32.15 16.36
N ALA A 34 11.83 31.50 17.26
CA ALA A 34 11.82 31.87 18.68
C ALA A 34 13.19 31.69 19.34
N GLY A 35 13.65 32.74 20.03
CA GLY A 35 14.88 32.71 20.81
C GLY A 35 16.17 32.46 20.04
N VAL A 36 16.13 32.69 18.73
CA VAL A 36 17.28 32.45 17.86
C VAL A 36 17.23 33.39 16.66
N THR A 37 18.35 34.07 16.40
CA THR A 37 18.43 35.06 15.32
C THR A 37 18.19 34.50 13.91
N VAL A 38 18.20 33.18 13.77
CA VAL A 38 17.97 32.54 12.48
C VAL A 38 16.66 33.01 11.88
N GLU A 39 16.72 33.47 10.62
CA GLU A 39 15.54 34.05 9.97
C GLU A 39 14.46 33.01 9.74
N ARG A 40 13.22 33.46 9.84
CA ARG A 40 12.05 32.66 9.47
C ARG A 40 11.24 33.46 8.47
N LYS A 41 10.98 32.86 7.31
CA LYS A 41 10.15 33.49 6.29
C LYS A 41 9.05 32.55 5.82
N GLU A 42 7.85 33.08 5.68
CA GLU A 42 6.70 32.31 5.22
C GLU A 42 5.91 33.15 4.24
N GLY A 43 5.07 32.50 3.44
CA GLY A 43 4.34 33.17 2.36
C GLY A 43 2.91 32.73 2.17
N GLN A 44 2.32 33.17 1.06
CA GLN A 44 0.90 32.96 0.75
C GLN A 44 0.72 32.64 -0.73
N PHE A 45 0.00 31.57 -1.05
CA PHE A 45 -0.42 31.32 -2.43
C PHE A 45 -1.69 30.50 -2.47
N SER A 46 -2.39 30.54 -3.60
CA SER A 46 -3.68 29.88 -3.72
C SER A 46 -3.68 28.84 -4.81
N THR A 47 -4.11 27.63 -4.45
CA THR A 47 -4.39 26.59 -5.42
C THR A 47 -5.84 26.76 -5.86
N THR A 48 -6.38 25.81 -6.62
CA THR A 48 -7.79 25.86 -7.01
C THR A 48 -8.69 25.81 -5.77
N ASP A 49 -8.32 24.98 -4.81
CA ASP A 49 -9.17 24.70 -3.65
C ASP A 49 -8.72 25.34 -2.36
N HIS A 50 -7.42 25.60 -2.22
CA HIS A 50 -6.87 25.97 -0.92
C HIS A 50 -6.15 27.31 -0.90
N GLN A 51 -6.34 28.04 0.19
CA GLN A 51 -5.50 29.19 0.53
C GLN A 51 -4.33 28.63 1.33
N VAL A 52 -3.14 28.68 0.74
CA VAL A 52 -1.96 28.09 1.37
C VAL A 52 -1.12 29.15 2.08
N THR A 53 -0.53 28.74 3.20
CA THR A 53 0.58 29.46 3.80
C THR A 53 1.77 28.52 3.84
N LEU A 54 2.91 29.00 3.34
CA LEU A 54 4.09 28.19 3.12
C LEU A 54 5.21 28.70 4.01
N VAL A 55 5.71 27.85 4.91
CA VAL A 55 6.85 28.20 5.76
C VAL A 55 8.14 27.66 5.13
N ASP A 56 9.04 28.56 4.76
CA ASP A 56 10.34 28.19 4.17
C ASP A 56 11.28 27.76 5.29
N LEU A 57 11.46 26.45 5.45
CA LEU A 57 12.31 25.92 6.50
C LEU A 57 13.76 25.93 6.03
N PRO A 58 14.72 25.87 6.98
CA PRO A 58 16.13 25.87 6.60
C PRO A 58 16.63 24.51 6.13
N GLY A 59 17.57 24.53 5.19
CA GLY A 59 18.10 23.31 4.60
C GLY A 59 18.76 22.42 5.62
N THR A 60 18.48 21.12 5.52
CA THR A 60 19.07 20.13 6.43
C THR A 60 19.23 18.80 5.72
N TYR A 61 20.33 18.10 6.03
CA TYR A 61 20.61 16.78 5.45
C TYR A 61 19.76 15.68 6.10
N SER A 62 19.67 15.73 7.43
CA SER A 62 18.82 14.81 8.19
C SER A 62 18.09 15.59 9.28
N LEU A 63 17.38 14.86 10.15
CA LEU A 63 16.70 15.46 11.30
C LEU A 63 17.38 15.04 12.62
N THR A 64 18.70 14.81 12.56
CA THR A 64 19.48 14.36 13.72
C THR A 64 20.91 14.92 13.66
N GLN A 69 28.25 17.05 16.26
CA GLN A 69 28.00 18.49 16.41
C GLN A 69 27.07 19.02 15.32
N THR A 70 25.82 19.31 15.70
CA THR A 70 24.79 19.74 14.74
C THR A 70 24.81 21.25 14.56
N SER A 71 23.79 21.78 13.89
CA SER A 71 23.61 23.22 13.74
C SER A 71 22.22 23.61 14.23
N LEU A 72 21.93 24.91 14.19
CA LEU A 72 20.60 25.42 14.47
C LEU A 72 19.63 25.04 13.35
N ASP A 73 20.06 25.27 12.11
CA ASP A 73 19.23 24.99 10.92
C ASP A 73 18.63 23.59 10.97
N GLU A 74 19.48 22.59 11.19
CA GLU A 74 19.03 21.23 11.49
C GLU A 74 17.90 21.27 12.50
N GLN A 75 18.22 21.85 13.66
CA GLN A 75 17.40 21.75 14.86
C GLN A 75 16.05 22.45 14.75
N ILE A 76 16.09 23.70 14.32
CA ILE A 76 14.89 24.46 14.02
C ILE A 76 14.00 23.68 13.04
N ALA A 77 14.62 23.06 12.04
CA ALA A 77 13.89 22.23 11.08
C ALA A 77 13.17 21.08 11.80
N CYS A 78 13.95 20.22 12.45
CA CYS A 78 13.39 19.04 13.12
C CYS A 78 12.31 19.40 14.15
N HIS A 79 12.48 20.55 14.79
CA HIS A 79 11.46 21.04 15.71
C HIS A 79 10.14 21.27 14.97
N TYR A 80 10.19 22.06 13.90
CA TYR A 80 8.98 22.42 13.16
C TYR A 80 8.23 21.20 12.64
N ILE A 81 8.98 20.19 12.19
CA ILE A 81 8.39 19.00 11.60
C ILE A 81 7.65 18.18 12.65
N LEU A 82 8.17 18.15 13.87
CA LEU A 82 7.58 17.41 14.98
C LEU A 82 6.55 18.21 15.80
N SER A 83 6.18 19.40 15.31
CA SER A 83 5.30 20.31 16.04
C SER A 83 3.81 20.06 15.76
N GLY A 84 3.51 19.67 14.52
CA GLY A 84 2.13 19.52 14.07
C GLY A 84 1.53 20.77 13.46
N ASP A 85 2.30 21.86 13.40
CA ASP A 85 1.82 23.13 12.83
C ASP A 85 1.49 23.04 11.33
N ALA A 86 2.15 22.12 10.61
CA ALA A 86 1.96 21.96 9.16
C ALA A 86 1.00 20.82 8.84
N ASP A 87 0.07 21.07 7.92
CA ASP A 87 -0.88 20.05 7.47
C ASP A 87 -0.24 19.07 6.49
N LEU A 88 0.78 19.54 5.77
CA LEU A 88 1.63 18.66 4.98
C LEU A 88 2.98 19.32 4.71
N LEU A 89 3.86 18.58 4.05
CA LEU A 89 5.17 19.10 3.69
C LEU A 89 5.41 18.99 2.19
N ILE A 90 6.38 19.77 1.70
CA ILE A 90 6.88 19.63 0.34
C ILE A 90 8.38 19.37 0.43
N ASN A 91 8.76 18.11 0.29
CA ASN A 91 10.16 17.74 0.27
C ASN A 91 10.74 18.13 -1.07
N VAL A 92 11.70 19.05 -1.07
CA VAL A 92 12.38 19.49 -2.29
C VAL A 92 13.68 18.70 -2.48
N VAL A 93 13.67 17.78 -3.45
CA VAL A 93 14.81 16.89 -3.68
C VAL A 93 15.59 17.26 -4.94
N ASP A 94 16.91 17.38 -4.80
CA ASP A 94 17.79 17.52 -5.94
C ASP A 94 17.89 16.19 -6.69
N ALA A 95 17.35 16.16 -7.91
CA ALA A 95 17.39 14.94 -8.74
C ALA A 95 18.81 14.51 -9.09
N SER A 96 19.74 15.47 -9.17
CA SER A 96 21.14 15.16 -9.43
C SER A 96 21.88 14.62 -8.20
N ASN A 97 21.17 14.42 -7.09
CA ASN A 97 21.71 13.84 -5.87
C ASN A 97 20.67 13.06 -5.08
N LEU A 98 19.88 12.25 -5.79
CA LEU A 98 18.82 11.44 -5.17
C LEU A 98 19.26 10.77 -3.87
N GLU A 99 20.28 9.92 -3.97
CA GLU A 99 20.71 9.07 -2.85
C GLU A 99 21.05 9.89 -1.62
N ARG A 100 21.76 11.00 -1.82
CA ARG A 100 22.06 11.92 -0.74
C ARG A 100 20.78 12.54 -0.18
N ASN A 101 19.92 13.04 -1.06
CA ASN A 101 18.71 13.76 -0.64
C ASN A 101 17.64 12.88 0.01
N LEU A 102 17.59 11.61 -0.38
CA LEU A 102 16.51 10.71 0.06
C LEU A 102 16.65 10.24 1.50
N TYR A 103 17.80 10.51 2.13
CA TYR A 103 17.96 10.14 3.53
C TYR A 103 17.00 10.95 4.41
N LEU A 104 16.96 12.26 4.19
CA LEU A 104 15.98 13.13 4.86
C LEU A 104 14.56 12.70 4.51
N THR A 105 14.32 12.42 3.24
CA THR A 105 13.01 12.00 2.77
C THR A 105 12.50 10.83 3.59
N LEU A 106 13.30 9.78 3.70
CA LEU A 106 12.89 8.58 4.43
C LEU A 106 12.48 8.92 5.85
N GLN A 107 13.26 9.78 6.51
CA GLN A 107 12.97 10.15 7.89
C GLN A 107 11.58 10.76 8.01
N LEU A 108 11.24 11.70 7.13
CA LEU A 108 9.92 12.34 7.15
C LEU A 108 8.78 11.33 6.98
N LEU A 109 9.01 10.33 6.13
CA LEU A 109 8.01 9.30 5.86
C LEU A 109 7.86 8.31 7.01
N GLU A 110 8.94 8.09 7.76
CA GLU A 110 8.89 7.26 8.97
C GLU A 110 8.12 7.94 10.11
N LEU A 111 8.14 9.27 10.13
CA LEU A 111 7.23 10.04 11.00
C LEU A 111 5.78 9.91 10.53
N GLY A 112 5.57 9.77 9.23
CA GLY A 112 4.23 9.56 8.67
C GLY A 112 3.47 10.86 8.52
N ILE A 113 4.22 11.93 8.25
CA ILE A 113 3.65 13.26 8.04
C ILE A 113 3.33 13.32 6.55
N PRO A 114 2.10 13.76 6.20
CA PRO A 114 1.77 13.67 4.79
C PRO A 114 2.63 14.62 3.99
N CYS A 115 3.30 14.13 2.94
CA CYS A 115 4.09 15.02 2.11
C CYS A 115 4.19 14.59 0.66
N ILE A 116 4.50 15.57 -0.18
CA ILE A 116 4.72 15.40 -1.61
C ILE A 116 6.19 15.62 -1.87
N VAL A 117 6.80 14.85 -2.76
CA VAL A 117 8.17 15.11 -3.15
C VAL A 117 8.16 16.01 -4.38
N ALA A 118 8.91 17.11 -4.29
CA ALA A 118 9.14 18.00 -5.41
C ALA A 118 10.52 17.67 -5.95
N LEU A 119 10.55 16.82 -6.98
CA LEU A 119 11.81 16.36 -7.58
C LEU A 119 12.38 17.45 -8.47
N ASN A 120 13.39 18.16 -7.94
CA ASN A 120 13.89 19.39 -8.52
C ASN A 120 15.25 19.24 -9.20
N MET A 121 15.49 20.11 -10.19
CA MET A 121 16.77 20.21 -10.88
C MET A 121 17.04 19.00 -11.77
N LEU A 122 15.99 18.50 -12.43
CA LEU A 122 16.14 17.40 -13.38
C LEU A 122 16.94 17.85 -14.61
N ASP A 123 16.92 19.14 -14.91
CA ASP A 123 17.74 19.68 -15.99
C ASP A 123 19.25 19.53 -15.71
N ILE A 124 19.64 19.53 -14.44
CA ILE A 124 21.00 19.19 -14.04
C ILE A 124 21.20 17.68 -14.10
N ALA A 125 20.20 16.93 -13.63
CA ALA A 125 20.23 15.48 -13.72
C ALA A 125 20.34 15.04 -15.18
N GLU A 126 19.61 15.72 -16.07
CA GLU A 126 19.67 15.41 -17.49
C GLU A 126 21.07 15.66 -18.01
N LYS A 127 21.60 16.85 -17.72
CA LYS A 127 22.96 17.20 -18.15
C LYS A 127 24.00 16.24 -17.62
N GLN A 128 23.79 15.76 -16.40
CA GLN A 128 24.66 14.74 -15.79
C GLN A 128 24.31 13.34 -16.35
N ASN A 129 23.39 13.30 -17.30
CA ASN A 129 22.88 12.06 -17.89
C ASN A 129 22.39 11.07 -16.82
N ILE A 130 21.28 11.45 -16.18
CA ILE A 130 20.59 10.61 -15.22
C ILE A 130 19.09 10.83 -15.39
N ARG A 131 18.32 9.75 -15.42
CA ARG A 131 16.87 9.86 -15.46
C ARG A 131 16.26 9.12 -14.28
N ILE A 132 15.18 9.67 -13.72
CA ILE A 132 14.49 9.06 -12.59
C ILE A 132 13.11 8.49 -12.99
N GLU A 133 12.93 7.19 -12.75
CA GLU A 133 11.63 6.54 -12.90
C GLU A 133 10.66 7.10 -11.86
N ILE A 134 10.04 8.23 -12.18
CA ILE A 134 9.23 8.97 -11.22
C ILE A 134 8.18 8.12 -10.50
N ASP A 135 7.45 7.32 -11.27
CA ASP A 135 6.34 6.57 -10.71
C ASP A 135 6.80 5.32 -9.96
N ALA A 136 8.02 4.88 -10.23
CA ALA A 136 8.65 3.83 -9.44
C ALA A 136 8.98 4.41 -8.06
N LEU A 137 9.71 5.53 -8.06
CA LEU A 137 10.01 6.29 -6.85
C LEU A 137 8.73 6.57 -6.04
N SER A 138 7.67 6.98 -6.75
CA SER A 138 6.38 7.26 -6.13
C SER A 138 5.88 6.08 -5.31
N ALA A 139 5.95 4.88 -5.89
CA ALA A 139 5.53 3.66 -5.19
C ALA A 139 6.40 3.38 -3.97
N ARG A 140 7.72 3.44 -4.14
CA ARG A 140 8.64 3.06 -3.07
C ARG A 140 8.49 3.95 -1.82
N LEU A 141 8.42 5.27 -2.02
CA LEU A 141 8.20 6.20 -0.92
C LEU A 141 6.76 6.12 -0.41
N GLY A 142 5.84 5.79 -1.30
CA GLY A 142 4.43 5.68 -0.94
C GLY A 142 3.79 7.04 -0.79
N CYS A 143 4.21 7.97 -1.65
CA CYS A 143 3.68 9.32 -1.65
C CYS A 143 3.88 9.94 -3.04
N PRO A 144 3.25 11.10 -3.29
CA PRO A 144 3.43 11.71 -4.61
C PRO A 144 4.87 12.11 -4.90
N VAL A 145 5.25 12.02 -6.17
CA VAL A 145 6.50 12.61 -6.67
C VAL A 145 6.17 13.45 -7.92
N ILE A 146 6.54 14.73 -7.87
CA ILE A 146 6.20 15.70 -8.90
C ILE A 146 7.46 16.30 -9.54
N PRO A 147 7.66 16.11 -10.86
CA PRO A 147 8.86 16.66 -11.51
C PRO A 147 8.87 18.19 -11.57
N LEU A 148 10.03 18.78 -11.30
CA LEU A 148 10.18 20.22 -11.25
C LEU A 148 11.51 20.73 -11.82
N VAL A 149 11.43 21.89 -12.47
CA VAL A 149 12.58 22.78 -12.66
C VAL A 149 12.18 24.14 -12.05
N SER A 150 12.53 24.35 -10.78
CA SER A 150 12.10 25.54 -10.01
C SER A 150 12.47 26.87 -10.67
N THR A 151 13.66 26.91 -11.27
CA THR A 151 14.14 28.10 -11.98
C THR A 151 13.30 28.42 -13.24
N ARG A 152 12.68 27.40 -13.83
CA ARG A 152 11.86 27.55 -15.06
C ARG A 152 10.34 27.52 -14.80
N GLY A 153 9.92 27.16 -13.58
CA GLY A 153 8.50 27.03 -13.25
C GLY A 153 7.80 25.78 -13.81
N ARG A 154 8.58 24.75 -14.13
CA ARG A 154 8.02 23.52 -14.71
C ARG A 154 7.36 22.65 -13.65
N GLY A 155 6.10 22.31 -13.86
CA GLY A 155 5.35 21.50 -12.91
C GLY A 155 5.07 22.19 -11.60
N ILE A 156 4.93 23.52 -11.64
CA ILE A 156 4.42 24.27 -10.50
C ILE A 156 2.92 24.07 -10.47
N GLU A 157 2.31 24.11 -11.65
CA GLU A 157 0.90 23.81 -11.78
C GLU A 157 0.63 22.35 -11.46
N ALA A 158 1.61 21.49 -11.77
CA ALA A 158 1.54 20.08 -11.41
C ALA A 158 1.71 19.90 -9.90
N LEU A 159 2.52 20.74 -9.27
CA LEU A 159 2.70 20.70 -7.82
C LEU A 159 1.43 21.15 -7.09
N LYS A 160 0.87 22.30 -7.50
CA LYS A 160 -0.42 22.78 -6.95
C LYS A 160 -1.53 21.74 -7.06
N LEU A 161 -1.58 21.00 -8.16
CA LEU A 161 -2.58 19.95 -8.33
C LEU A 161 -2.41 18.89 -7.23
N ALA A 162 -1.16 18.49 -6.99
CA ALA A 162 -0.83 17.50 -5.96
C ALA A 162 -1.18 17.97 -4.55
N ILE A 163 -1.16 19.28 -4.33
CA ILE A 163 -1.54 19.88 -3.05
C ILE A 163 -3.02 19.68 -2.77
N ASP A 164 -3.87 19.93 -3.76
CA ASP A 164 -5.31 19.75 -3.63
C ASP A 164 -5.71 18.29 -3.41
N ARG A 165 -4.84 17.37 -3.77
CA ARG A 165 -5.06 15.94 -3.52
C ARG A 165 -4.21 15.40 -2.35
N TYR A 166 -3.90 16.26 -1.37
CA TYR A 166 -3.09 15.82 -0.23
C TYR A 166 -3.82 14.73 0.53
N LYS A 167 -3.11 13.61 0.74
CA LYS A 167 -3.70 12.40 1.30
C LYS A 167 -2.65 11.64 2.10
N ALA A 168 -3.09 10.92 3.13
CA ALA A 168 -2.19 10.16 3.99
C ALA A 168 -1.26 9.31 3.13
N ASN A 169 0.01 9.26 3.50
CA ASN A 169 0.99 8.50 2.72
C ASN A 169 0.64 7.03 2.78
N GLU A 170 0.82 6.35 1.66
CA GLU A 170 0.55 4.92 1.60
C GLU A 170 1.49 4.27 2.60
N ASN A 171 0.93 3.55 3.57
CA ASN A 171 1.72 2.94 4.62
C ASN A 171 2.53 1.77 4.06
N VAL A 172 3.43 2.10 3.15
CA VAL A 172 4.31 1.14 2.52
C VAL A 172 5.51 0.91 3.43
N GLU A 173 6.15 -0.25 3.29
CA GLU A 173 7.38 -0.52 4.00
C GLU A 173 8.54 0.21 3.33
N LEU A 174 9.34 0.89 4.14
CA LEU A 174 10.56 1.54 3.67
C LEU A 174 11.77 0.76 4.19
N VAL A 175 12.45 1.28 5.21
CA VAL A 175 13.64 0.62 5.76
C VAL A 175 13.19 -0.67 6.45
N HIS A 176 14.09 -1.67 6.49
CA HIS A 176 13.77 -2.96 7.12
C HIS A 176 14.73 -3.23 8.28
N TYR A 177 14.39 -2.71 9.46
CA TYR A 177 15.25 -2.81 10.64
C TYR A 177 15.20 -4.20 11.24
N ALA A 178 16.32 -4.63 11.84
CA ALA A 178 16.42 -5.96 12.45
C ALA A 178 15.41 -6.10 13.57
N GLN A 179 14.86 -7.30 13.73
CA GLN A 179 13.70 -7.51 14.61
C GLN A 179 13.86 -6.93 16.00
N PRO A 180 15.03 -7.14 16.64
CA PRO A 180 15.21 -6.59 17.99
C PRO A 180 15.08 -5.08 18.04
N LEU A 181 15.63 -4.39 17.04
CA LEU A 181 15.63 -2.93 17.02
C LEU A 181 14.22 -2.36 17.03
N LEU A 182 13.31 -3.04 16.33
CA LEU A 182 11.91 -2.64 16.29
C LEU A 182 11.23 -2.93 17.62
N ASN A 183 11.52 -4.10 18.19
CA ASN A 183 11.00 -4.47 19.51
C ASN A 183 11.34 -3.41 20.55
N GLU A 184 12.62 -3.04 20.60
CA GLU A 184 13.09 -2.03 21.55
C GLU A 184 12.55 -0.64 21.22
N ALA A 185 12.56 -0.27 19.94
CA ALA A 185 11.99 1.00 19.51
C ALA A 185 10.56 1.09 20.02
N ASP A 186 9.78 0.07 19.69
CA ASP A 186 8.38 -0.06 20.13
C ASP A 186 8.26 -0.07 21.65
N SER A 187 9.17 -0.78 22.31
CA SER A 187 9.18 -0.88 23.77
C SER A 187 9.31 0.49 24.43
N LEU A 188 10.21 1.33 23.92
CA LEU A 188 10.35 2.68 24.44
C LEU A 188 9.12 3.51 24.09
N ALA A 189 8.67 3.39 22.85
CA ALA A 189 7.45 4.04 22.38
C ALA A 189 6.25 3.86 23.33
N LYS A 190 6.15 2.69 23.96
CA LYS A 190 5.02 2.40 24.84
C LYS A 190 4.92 3.36 26.02
N VAL A 191 6.05 3.68 26.65
CA VAL A 191 6.07 4.53 27.85
C VAL A 191 6.29 6.02 27.57
N MET A 192 6.08 6.44 26.32
CA MET A 192 6.12 7.85 25.96
C MET A 192 4.70 8.40 26.11
N PRO A 193 4.54 9.74 26.12
CA PRO A 193 3.22 10.37 26.10
C PRO A 193 2.27 9.77 25.06
N SER A 194 1.03 9.49 25.49
CA SER A 194 0.05 8.81 24.63
C SER A 194 -0.54 9.70 23.54
N ASP A 195 -0.43 11.02 23.70
CA ASP A 195 -0.98 11.98 22.72
C ASP A 195 -0.19 12.02 21.41
N ILE A 196 1.12 11.74 21.48
CA ILE A 196 1.98 11.71 20.30
C ILE A 196 1.62 10.51 19.44
N PRO A 197 1.51 10.70 18.10
CA PRO A 197 1.08 9.57 17.26
C PRO A 197 2.01 8.38 17.40
N LEU A 198 1.42 7.18 17.41
CA LEU A 198 2.19 5.94 17.57
C LEU A 198 3.42 5.93 16.67
N LYS A 199 3.17 6.08 15.37
CA LYS A 199 4.23 6.05 14.34
C LYS A 199 5.44 6.94 14.72
N GLN A 200 5.16 8.09 15.31
CA GLN A 200 6.22 9.02 15.72
C GLN A 200 6.94 8.53 16.96
N ARG A 201 6.24 7.80 17.82
CA ARG A 201 6.84 7.22 19.01
C ARG A 201 7.79 6.08 18.64
N ARG A 202 7.44 5.34 17.58
CA ARG A 202 8.31 4.29 17.05
C ARG A 202 9.58 4.90 16.45
N TRP A 203 9.41 6.05 15.78
CA TRP A 203 10.53 6.78 15.17
C TRP A 203 11.42 7.42 16.24
N LEU A 204 10.78 8.03 17.24
CA LEU A 204 11.52 8.62 18.37
C LEU A 204 12.28 7.55 19.13
N GLY A 205 11.72 6.34 19.19
CA GLY A 205 12.38 5.20 19.79
C GLY A 205 13.66 4.80 19.06
N LEU A 206 13.58 4.68 17.74
CA LEU A 206 14.75 4.33 16.93
C LEU A 206 15.87 5.35 17.06
N GLN A 207 15.52 6.63 16.96
CA GLN A 207 16.49 7.71 17.02
C GLN A 207 17.21 7.74 18.36
N MET A 208 16.45 7.56 19.45
CA MET A 208 17.01 7.41 20.78
C MET A 208 18.01 6.25 20.81
N LEU A 209 17.60 5.10 20.28
CA LEU A 209 18.44 3.92 20.24
C LEU A 209 19.68 4.11 19.37
N GLU A 210 19.58 4.90 18.31
CA GLU A 210 20.73 5.22 17.47
C GLU A 210 21.72 6.14 18.18
N GLY A 211 21.19 7.09 18.94
CA GLY A 211 22.00 8.00 19.76
C GLY A 211 21.66 9.48 19.66
N ASP A 212 20.44 9.80 19.24
CA ASP A 212 20.01 11.19 19.12
C ASP A 212 19.67 11.72 20.51
N ILE A 213 20.37 12.77 20.91
CA ILE A 213 20.28 13.29 22.27
C ILE A 213 19.07 14.22 22.40
N TYR A 214 18.74 14.92 21.33
CA TYR A 214 17.59 15.83 21.32
C TYR A 214 16.24 15.11 21.40
N SER A 215 16.12 14.01 20.66
CA SER A 215 14.86 13.26 20.61
C SER A 215 14.37 12.78 21.98
N ARG A 216 15.29 12.61 22.93
CA ARG A 216 14.93 12.23 24.30
C ARG A 216 13.98 13.22 24.98
N ALA A 217 14.03 14.48 24.57
CA ALA A 217 13.16 15.53 25.11
C ALA A 217 11.67 15.26 24.85
N TYR A 218 11.36 14.68 23.70
CA TYR A 218 9.97 14.33 23.36
C TYR A 218 9.56 13.02 24.02
N ALA A 219 10.54 12.15 24.31
CA ALA A 219 10.28 10.77 24.76
C ALA A 219 9.67 10.63 26.16
N GLY A 220 9.68 11.71 26.94
CA GLY A 220 9.08 11.70 28.28
C GLY A 220 9.83 10.79 29.23
N GLU A 221 9.11 9.82 29.80
CA GLU A 221 9.71 8.87 30.74
C GLU A 221 10.62 7.84 30.04
N ALA A 222 10.40 7.63 28.74
CA ALA A 222 11.17 6.66 27.95
C ALA A 222 12.68 6.91 28.00
N SER A 223 13.06 8.17 28.16
CA SER A 223 14.48 8.56 28.26
C SER A 223 15.22 7.79 29.36
N GLN A 224 14.50 7.35 30.37
CA GLN A 224 15.09 6.58 31.46
C GLN A 224 15.50 5.20 30.96
N HIS A 225 14.55 4.50 30.36
CA HIS A 225 14.73 3.09 29.97
C HIS A 225 15.77 2.86 28.87
N LEU A 226 16.32 3.94 28.31
CA LEU A 226 17.28 3.87 27.21
C LEU A 226 18.49 3.01 27.53
N ASP A 227 19.00 3.12 28.76
CA ASP A 227 20.16 2.34 29.19
C ASP A 227 19.84 0.84 29.16
N ALA A 228 18.68 0.48 29.68
CA ALA A 228 18.23 -0.91 29.70
C ALA A 228 18.09 -1.48 28.30
N ALA A 229 17.56 -0.68 27.39
CA ALA A 229 17.37 -1.09 26.00
C ALA A 229 18.71 -1.33 25.32
N LEU A 230 19.58 -0.33 25.41
CA LEU A 230 20.89 -0.39 24.75
C LEU A 230 21.75 -1.54 25.28
N ALA A 231 21.71 -1.75 26.60
CA ALA A 231 22.43 -2.87 27.22
C ALA A 231 21.97 -4.21 26.66
N ARG A 232 20.66 -4.38 26.52
CA ARG A 232 20.10 -5.59 25.94
C ARG A 232 20.56 -5.82 24.51
N LEU A 233 20.49 -4.77 23.70
CA LEU A 233 20.86 -4.87 22.28
C LEU A 233 22.32 -5.27 22.09
N ARG A 234 23.20 -4.75 22.94
CA ARG A 234 24.64 -5.05 22.84
C ARG A 234 24.96 -6.54 22.92
N ASN A 235 24.17 -7.28 23.69
CA ASN A 235 24.32 -8.73 23.78
C ASN A 235 23.88 -9.41 22.50
N GLU A 236 22.77 -8.92 21.94
CA GLU A 236 22.11 -9.55 20.78
C GLU A 236 22.74 -9.13 19.45
N MET A 237 23.77 -8.28 19.48
CA MET A 237 24.15 -7.52 18.29
C MET A 237 25.34 -6.58 18.50
N ASP A 238 26.17 -6.42 17.45
CA ASP A 238 27.40 -5.58 17.51
C ASP A 238 27.19 -4.18 16.91
N ASP A 239 27.29 -3.16 17.76
CA ASP A 239 27.04 -1.76 17.38
C ASP A 239 25.62 -1.53 16.80
N PRO A 240 24.58 -1.79 17.62
CA PRO A 240 23.18 -1.49 17.24
C PRO A 240 23.04 -0.11 16.60
N ALA A 241 23.75 0.86 17.16
CA ALA A 241 23.77 2.21 16.61
C ALA A 241 24.08 2.18 15.12
N LEU A 242 25.13 1.46 14.75
CA LEU A 242 25.56 1.40 13.34
C LEU A 242 24.62 0.59 12.46
N HIS A 243 24.03 -0.48 13.00
CA HIS A 243 23.08 -1.28 12.24
C HIS A 243 21.90 -0.45 11.71
N ILE A 244 21.40 0.46 12.55
CA ILE A 244 20.29 1.35 12.17
C ILE A 244 20.59 2.12 10.88
N ALA A 245 21.73 2.81 10.87
CA ALA A 245 22.16 3.54 9.69
C ALA A 245 22.23 2.65 8.46
N ASP A 246 22.91 1.50 8.59
CA ASP A 246 23.09 0.56 7.49
C ASP A 246 21.77 0.20 6.83
N ALA A 247 20.73 -0.04 7.64
CA ALA A 247 19.42 -0.41 7.12
C ALA A 247 18.82 0.69 6.25
N ARG A 248 19.10 1.93 6.61
CA ARG A 248 18.61 3.09 5.87
C ARG A 248 19.29 3.24 4.53
N TYR A 249 20.62 3.25 4.54
CA TYR A 249 21.40 3.37 3.30
C TYR A 249 21.14 2.19 2.35
N GLN A 250 21.04 0.98 2.90
CA GLN A 250 20.66 -0.21 2.14
C GLN A 250 19.37 0.04 1.36
N CYS A 251 18.38 0.56 2.07
CA CYS A 251 17.08 0.85 1.50
C CYS A 251 17.20 1.87 0.38
N ILE A 252 17.78 3.03 0.68
CA ILE A 252 17.96 4.09 -0.32
C ILE A 252 18.73 3.56 -1.52
N ALA A 253 19.81 2.83 -1.26
CA ALA A 253 20.66 2.30 -2.31
C ALA A 253 19.92 1.29 -3.20
N ALA A 254 19.08 0.46 -2.59
CA ALA A 254 18.24 -0.47 -3.34
C ALA A 254 17.23 0.27 -4.21
N ILE A 255 16.60 1.30 -3.63
CA ILE A 255 15.61 2.13 -4.33
C ILE A 255 16.25 2.87 -5.50
N CYS A 256 17.40 3.51 -5.23
CA CYS A 256 18.07 4.31 -6.24
C CYS A 256 18.55 3.50 -7.45
N ASP A 257 18.99 2.26 -7.21
CA ASP A 257 19.39 1.39 -8.31
C ASP A 257 18.24 1.19 -9.30
N VAL A 258 17.04 1.00 -8.77
CA VAL A 258 15.84 0.84 -9.61
C VAL A 258 15.32 2.16 -10.20
N VAL A 259 15.30 3.22 -9.41
CA VAL A 259 14.69 4.48 -9.82
C VAL A 259 15.59 5.33 -10.71
N SER A 260 16.87 5.43 -10.37
CA SER A 260 17.85 6.18 -11.17
C SER A 260 18.53 5.25 -12.20
N ASN A 261 19.07 5.85 -13.26
CA ASN A 261 19.79 5.10 -14.29
C ASN A 261 20.65 5.98 -15.20
N LYS B 2 -12.88 12.52 30.69
CA LYS B 2 -14.36 12.71 30.70
C LYS B 2 -14.88 13.24 29.36
N LYS B 3 -14.11 14.10 28.70
CA LYS B 3 -14.55 14.71 27.44
C LYS B 3 -14.83 13.66 26.37
N LEU B 4 -15.76 13.96 25.47
CA LEU B 4 -16.15 13.04 24.41
C LEU B 4 -16.43 13.83 23.13
N THR B 5 -15.74 13.47 22.04
CA THR B 5 -15.91 14.15 20.75
C THR B 5 -16.95 13.43 19.90
N ILE B 6 -17.96 14.15 19.45
CA ILE B 6 -18.97 13.59 18.54
C ILE B 6 -19.01 14.36 17.22
N GLY B 7 -19.13 13.63 16.12
CA GLY B 7 -19.32 14.24 14.80
C GLY B 7 -20.76 14.08 14.37
N LEU B 8 -21.42 15.19 14.09
CA LEU B 8 -22.80 15.17 13.62
C LEU B 8 -22.83 15.00 12.09
N ILE B 9 -23.29 13.84 11.63
CA ILE B 9 -23.26 13.49 10.19
C ILE B 9 -24.64 13.10 9.68
N GLY B 10 -24.89 13.40 8.39
CA GLY B 10 -26.15 13.05 7.76
C GLY B 10 -26.26 13.53 6.33
N ASN B 11 -27.37 13.16 5.68
CA ASN B 11 -27.69 13.66 4.34
C ASN B 11 -28.01 15.15 4.38
N PRO B 12 -27.69 15.87 3.30
CA PRO B 12 -28.01 17.28 3.28
C PRO B 12 -29.49 17.55 3.58
N ASN B 13 -29.76 18.62 4.31
CA ASN B 13 -31.12 19.10 4.51
C ASN B 13 -31.98 18.14 5.33
N SER B 14 -31.35 17.37 6.22
CA SER B 14 -32.05 16.41 7.08
C SER B 14 -32.38 16.98 8.47
N GLY B 15 -32.03 18.24 8.70
CA GLY B 15 -32.25 18.89 9.99
C GLY B 15 -31.04 18.80 10.90
N LYS B 16 -29.88 18.61 10.28
CA LYS B 16 -28.65 18.32 10.99
C LYS B 16 -28.17 19.52 11.83
N THR B 17 -28.34 20.73 11.30
CA THR B 17 -27.89 21.94 12.01
C THR B 17 -28.85 22.27 13.14
N THR B 18 -30.14 22.30 12.82
CA THR B 18 -31.20 22.48 13.83
C THR B 18 -30.91 21.70 15.11
N LEU B 19 -30.48 20.45 14.96
CA LEU B 19 -30.12 19.62 16.11
C LEU B 19 -28.84 20.12 16.79
N PHE B 20 -27.84 20.46 15.98
CA PHE B 20 -26.59 21.02 16.50
C PHE B 20 -26.88 22.25 17.36
N ASN B 21 -27.75 23.11 16.86
CA ASN B 21 -28.14 24.34 17.57
C ASN B 21 -28.90 24.05 18.86
N GLN B 22 -29.67 22.97 18.87
CA GLN B 22 -30.44 22.57 20.06
C GLN B 22 -29.55 22.01 21.16
N LEU B 23 -28.60 21.16 20.78
CA LEU B 23 -27.69 20.54 21.74
C LEU B 23 -26.68 21.54 22.31
N THR B 24 -26.17 22.44 21.46
CA THR B 24 -25.08 23.35 21.83
C THR B 24 -25.52 24.75 22.25
N GLY B 25 -26.73 25.15 21.86
CA GLY B 25 -27.22 26.48 22.13
C GLY B 25 -26.27 27.53 21.58
N SER B 26 -25.88 28.48 22.43
CA SER B 26 -24.94 29.52 22.04
C SER B 26 -23.47 29.12 22.20
N ARG B 27 -23.21 28.02 22.91
CA ARG B 27 -21.83 27.58 23.15
C ARG B 27 -21.24 26.95 21.89
N GLN B 28 -20.97 27.76 20.87
CA GLN B 28 -20.48 27.27 19.57
C GLN B 28 -19.56 28.28 18.86
N ARG B 29 -18.80 27.76 17.90
CA ARG B 29 -17.85 28.56 17.12
C ARG B 29 -18.00 28.21 15.64
N VAL B 30 -17.77 29.18 14.76
CA VAL B 30 -17.89 28.96 13.32
C VAL B 30 -16.62 29.34 12.57
N GLY B 31 -15.89 28.33 12.13
CA GLY B 31 -14.66 28.51 11.37
C GLY B 31 -14.74 27.82 10.02
N ASN B 32 -13.59 27.36 9.53
CA ASN B 32 -13.51 26.67 8.25
C ASN B 32 -12.54 25.51 8.31
N TRP B 33 -12.67 24.58 7.37
CA TRP B 33 -11.73 23.47 7.26
C TRP B 33 -10.43 23.93 6.59
N ALA B 34 -9.32 23.70 7.28
CA ALA B 34 -7.99 24.21 6.88
C ALA B 34 -7.84 24.44 5.38
N GLY B 35 -8.00 25.70 4.98
CA GLY B 35 -7.71 26.13 3.61
C GLY B 35 -8.94 26.37 2.78
N VAL B 36 -9.91 25.47 2.86
CA VAL B 36 -11.10 25.55 2.02
C VAL B 36 -12.12 26.55 2.57
N THR B 37 -13.02 26.98 1.69
CA THR B 37 -14.10 27.87 2.06
C THR B 37 -15.20 27.16 2.86
N VAL B 38 -15.16 25.83 2.89
CA VAL B 38 -16.17 25.05 3.61
C VAL B 38 -16.17 25.35 5.12
N GLU B 39 -17.38 25.52 5.67
CA GLU B 39 -17.58 25.98 7.03
C GLU B 39 -17.48 24.83 8.05
N ARG B 40 -16.93 25.12 9.23
CA ARG B 40 -16.69 24.11 10.26
C ARG B 40 -17.17 24.58 11.63
N LYS B 41 -18.42 24.28 11.95
CA LYS B 41 -18.99 24.62 13.24
C LYS B 41 -18.66 23.56 14.30
N GLU B 42 -18.14 24.01 15.43
CA GLU B 42 -17.87 23.15 16.58
C GLU B 42 -18.61 23.72 17.79
N GLY B 43 -19.14 22.86 18.65
CA GLY B 43 -19.83 23.32 19.87
C GLY B 43 -19.70 22.34 21.01
N GLN B 44 -19.91 22.81 22.24
CA GLN B 44 -19.86 21.95 23.42
C GLN B 44 -21.15 22.00 24.24
N PHE B 45 -21.47 20.88 24.89
CA PHE B 45 -22.58 20.79 25.82
C PHE B 45 -22.35 19.64 26.80
N SER B 46 -23.15 19.59 27.86
CA SER B 46 -22.96 18.60 28.92
C SER B 46 -24.06 17.54 28.94
N THR B 47 -23.66 16.35 29.43
CA THR B 47 -24.59 15.28 29.81
C THR B 47 -24.25 14.86 31.25
N THR B 48 -25.07 13.98 31.81
CA THR B 48 -24.86 13.47 33.16
C THR B 48 -23.43 12.94 33.40
N ASP B 49 -22.79 12.42 32.36
CA ASP B 49 -21.47 11.80 32.51
C ASP B 49 -20.32 12.57 31.85
N HIS B 50 -20.58 13.25 30.73
CA HIS B 50 -19.50 13.94 30.00
C HIS B 50 -19.80 15.39 29.64
N GLN B 51 -18.73 16.12 29.30
CA GLN B 51 -18.82 17.34 28.51
C GLN B 51 -18.53 16.94 27.07
N VAL B 52 -19.50 17.15 26.18
CA VAL B 52 -19.39 16.71 24.79
C VAL B 52 -18.70 17.81 23.96
N THR B 53 -18.23 17.43 22.77
CA THR B 53 -17.78 18.39 21.77
C THR B 53 -18.33 17.97 20.42
N LEU B 54 -19.34 18.70 19.95
CA LEU B 54 -20.05 18.34 18.73
C LEU B 54 -19.48 19.08 17.53
N VAL B 55 -19.49 18.42 16.36
CA VAL B 55 -19.00 19.00 15.11
C VAL B 55 -20.05 18.80 14.00
N ASP B 56 -20.63 19.89 13.53
CA ASP B 56 -21.68 19.85 12.49
C ASP B 56 -21.03 19.57 11.13
N LEU B 57 -20.75 18.29 10.86
CA LEU B 57 -19.98 17.91 9.67
C LEU B 57 -20.72 18.25 8.37
N PRO B 58 -19.96 18.39 7.26
CA PRO B 58 -20.56 18.63 5.96
C PRO B 58 -21.58 17.56 5.56
N GLY B 59 -22.75 18.00 5.10
CA GLY B 59 -23.78 17.08 4.64
C GLY B 59 -23.27 16.27 3.46
N THR B 60 -23.78 15.05 3.32
CA THR B 60 -23.32 14.15 2.26
C THR B 60 -24.25 12.95 2.10
N TYR B 61 -24.46 12.52 0.85
CA TYR B 61 -25.32 11.37 0.55
C TYR B 61 -24.61 10.02 0.69
N SER B 62 -23.28 10.04 0.56
CA SER B 62 -22.48 8.83 0.76
C SER B 62 -21.03 9.21 1.05
N LEU B 63 -20.24 8.20 1.40
CA LEU B 63 -18.81 8.40 1.67
C LEU B 63 -17.95 8.09 0.44
N THR B 64 -18.56 7.57 -0.62
CA THR B 64 -17.79 7.15 -1.79
C THR B 64 -18.40 7.55 -3.13
N THR B 65 -17.66 8.38 -3.87
CA THR B 65 -17.96 8.65 -5.26
C THR B 65 -17.38 7.53 -6.12
N ILE B 66 -18.24 6.91 -6.93
CA ILE B 66 -17.82 5.96 -7.96
C ILE B 66 -17.93 6.58 -9.36
N SER B 67 -18.47 7.79 -9.42
CA SER B 67 -18.56 8.57 -10.65
C SER B 67 -17.57 9.75 -10.58
N SER B 68 -17.71 10.73 -11.47
CA SER B 68 -16.83 11.91 -11.55
C SER B 68 -16.48 12.56 -10.19
N GLN B 69 -15.33 13.24 -10.17
CA GLN B 69 -14.77 13.96 -9.00
C GLN B 69 -15.81 14.49 -7.99
N THR B 70 -15.52 14.25 -6.72
CA THR B 70 -16.43 14.62 -5.63
C THR B 70 -16.09 16.00 -5.05
N SER B 71 -17.00 16.57 -4.27
CA SER B 71 -16.83 17.93 -3.73
C SER B 71 -16.02 17.94 -2.44
N LEU B 72 -15.56 19.13 -2.06
CA LEU B 72 -14.83 19.31 -0.81
C LEU B 72 -15.68 18.80 0.35
N ASP B 73 -16.87 19.39 0.53
CA ASP B 73 -17.81 18.96 1.57
C ASP B 73 -17.75 17.45 1.77
N GLU B 74 -18.02 16.71 0.70
CA GLU B 74 -18.01 15.24 0.75
C GLU B 74 -16.68 14.72 1.24
N GLN B 75 -15.59 15.16 0.62
CA GLN B 75 -14.24 14.72 0.99
C GLN B 75 -13.95 14.99 2.45
N ILE B 76 -14.24 16.21 2.90
CA ILE B 76 -13.98 16.62 4.28
C ILE B 76 -14.67 15.72 5.29
N ALA B 77 -15.99 15.61 5.18
CA ALA B 77 -16.78 14.75 6.07
C ALA B 77 -16.30 13.31 6.03
N CYS B 78 -15.99 12.81 4.84
CA CYS B 78 -15.49 11.46 4.68
C CYS B 78 -14.11 11.27 5.31
N HIS B 79 -13.23 12.23 5.08
CA HIS B 79 -11.91 12.23 5.67
C HIS B 79 -11.99 12.29 7.20
N TYR B 80 -12.94 13.04 7.72
CA TYR B 80 -13.13 13.17 9.17
C TYR B 80 -13.57 11.84 9.79
N ILE B 81 -14.45 11.12 9.10
CA ILE B 81 -14.95 9.83 9.58
C ILE B 81 -13.81 8.82 9.78
N LEU B 82 -12.93 8.69 8.78
CA LEU B 82 -11.82 7.73 8.86
C LEU B 82 -10.73 8.15 9.84
N SER B 83 -10.62 9.44 10.13
CA SER B 83 -9.56 9.94 11.01
C SER B 83 -9.70 9.42 12.44
N GLY B 84 -10.94 9.20 12.89
CA GLY B 84 -11.20 8.70 14.23
C GLY B 84 -11.04 9.73 15.34
N ASP B 85 -11.21 11.01 15.00
CA ASP B 85 -11.22 12.06 16.02
C ASP B 85 -12.44 11.94 16.92
N ALA B 86 -13.58 11.57 16.32
CA ALA B 86 -14.81 11.36 17.08
C ALA B 86 -14.79 9.97 17.72
N ASP B 87 -15.18 9.91 19.00
CA ASP B 87 -15.38 8.63 19.71
C ASP B 87 -16.65 7.94 19.25
N LEU B 88 -17.62 8.73 18.78
CA LEU B 88 -18.84 8.18 18.21
C LEU B 88 -19.44 9.17 17.23
N LEU B 89 -20.37 8.70 16.40
CA LEU B 89 -21.07 9.56 15.46
C LEU B 89 -22.52 9.66 15.85
N ILE B 90 -23.14 10.79 15.54
CA ILE B 90 -24.58 10.93 15.63
C ILE B 90 -25.06 11.10 14.21
N ASN B 91 -25.85 10.14 13.76
CA ASN B 91 -26.34 10.10 12.40
C ASN B 91 -27.75 10.67 12.34
N VAL B 92 -27.89 11.87 11.80
CA VAL B 92 -29.20 12.48 11.63
C VAL B 92 -29.81 11.91 10.35
N VAL B 93 -30.96 11.24 10.52
CA VAL B 93 -31.66 10.58 9.42
C VAL B 93 -33.04 11.19 9.27
N ASP B 94 -33.39 11.56 8.04
CA ASP B 94 -34.72 12.09 7.74
C ASP B 94 -35.72 10.93 7.67
N ALA B 95 -36.69 10.96 8.58
CA ALA B 95 -37.65 9.86 8.76
C ALA B 95 -38.55 9.67 7.53
N SER B 96 -38.81 10.76 6.80
CA SER B 96 -39.69 10.70 5.64
C SER B 96 -39.03 10.07 4.40
N ASN B 97 -37.70 9.92 4.42
CA ASN B 97 -36.96 9.34 3.27
C ASN B 97 -35.95 8.27 3.70
N LEU B 98 -36.39 7.34 4.56
CA LEU B 98 -35.50 6.30 5.08
C LEU B 98 -34.62 5.63 4.03
N GLU B 99 -35.25 4.97 3.05
CA GLU B 99 -34.51 4.14 2.10
C GLU B 99 -33.39 4.93 1.43
N ARG B 100 -33.65 6.22 1.19
CA ARG B 100 -32.65 7.13 0.61
C ARG B 100 -31.54 7.48 1.60
N ASN B 101 -31.93 7.88 2.81
CA ASN B 101 -30.96 8.31 3.81
C ASN B 101 -30.11 7.16 4.31
N LEU B 102 -30.69 5.96 4.37
CA LEU B 102 -30.02 4.79 4.94
C LEU B 102 -28.69 4.38 4.29
N TYR B 103 -28.47 4.81 3.04
CA TYR B 103 -27.24 4.47 2.33
C TYR B 103 -26.00 4.95 3.10
N LEU B 104 -25.95 6.24 3.42
CA LEU B 104 -24.88 6.80 4.24
C LEU B 104 -24.78 6.06 5.58
N THR B 105 -25.92 5.78 6.19
CA THR B 105 -25.98 5.10 7.48
C THR B 105 -25.33 3.73 7.42
N LEU B 106 -25.60 2.99 6.34
CA LEU B 106 -25.05 1.66 6.19
C LEU B 106 -23.52 1.71 6.09
N GLN B 107 -23.00 2.73 5.43
CA GLN B 107 -21.55 2.89 5.26
C GLN B 107 -20.85 3.13 6.59
N LEU B 108 -21.50 3.86 7.48
CA LEU B 108 -20.99 4.07 8.83
C LEU B 108 -20.98 2.76 9.62
N LEU B 109 -21.93 1.87 9.32
CA LEU B 109 -22.06 0.60 10.04
C LEU B 109 -21.11 -0.46 9.53
N GLU B 110 -20.89 -0.51 8.22
CA GLU B 110 -19.89 -1.40 7.63
C GLU B 110 -18.48 -1.03 8.08
N LEU B 111 -18.21 0.27 8.27
CA LEU B 111 -16.94 0.72 8.85
C LEU B 111 -16.82 0.31 10.31
N GLY B 112 -17.97 0.25 10.99
CA GLY B 112 -18.04 -0.23 12.37
C GLY B 112 -17.72 0.86 13.38
N ILE B 113 -18.09 2.09 13.07
CA ILE B 113 -17.86 3.21 13.97
C ILE B 113 -19.05 3.31 14.92
N PRO B 114 -18.79 3.47 16.23
CA PRO B 114 -19.93 3.49 17.13
C PRO B 114 -20.80 4.69 16.81
N CYS B 115 -22.08 4.48 16.55
CA CYS B 115 -22.94 5.62 16.28
C CYS B 115 -24.36 5.44 16.78
N ILE B 116 -25.07 6.57 16.82
CA ILE B 116 -26.43 6.64 17.33
C ILE B 116 -27.29 7.33 16.28
N VAL B 117 -28.24 6.59 15.71
CA VAL B 117 -29.16 7.14 14.73
C VAL B 117 -30.14 8.07 15.41
N ALA B 118 -30.19 9.32 14.94
CA ALA B 118 -31.16 10.29 15.41
C ALA B 118 -32.20 10.44 14.32
N LEU B 119 -33.32 9.73 14.49
CA LEU B 119 -34.36 9.69 13.46
C LEU B 119 -35.16 10.99 13.53
N ASN B 120 -34.80 11.92 12.66
CA ASN B 120 -35.33 13.26 12.67
C ASN B 120 -36.53 13.37 11.72
N MET B 121 -37.39 14.34 11.98
CA MET B 121 -38.54 14.64 11.13
C MET B 121 -39.58 13.51 11.16
N LEU B 122 -39.88 13.04 12.37
CA LEU B 122 -40.97 12.07 12.55
C LEU B 122 -42.33 12.74 12.36
N ASP B 123 -42.41 14.02 12.70
CA ASP B 123 -43.62 14.80 12.45
C ASP B 123 -43.94 14.90 10.96
N ILE B 124 -42.92 15.08 10.13
CA ILE B 124 -43.11 15.02 8.68
C ILE B 124 -43.52 13.60 8.29
N ALA B 125 -42.87 12.61 8.89
CA ALA B 125 -43.21 11.20 8.70
C ALA B 125 -44.65 10.92 9.10
N GLU B 126 -45.08 11.51 10.22
CA GLU B 126 -46.45 11.35 10.72
C GLU B 126 -47.45 11.99 9.76
N LYS B 127 -47.20 13.24 9.39
CA LYS B 127 -48.01 13.93 8.36
C LYS B 127 -48.11 13.09 7.08
N GLN B 128 -47.00 12.46 6.71
CA GLN B 128 -46.96 11.64 5.50
C GLN B 128 -47.55 10.25 5.73
N ASN B 129 -48.09 10.05 6.93
CA ASN B 129 -48.76 8.80 7.30
C ASN B 129 -47.80 7.60 7.24
N ILE B 130 -46.55 7.86 7.64
CA ILE B 130 -45.54 6.82 7.75
C ILE B 130 -45.15 6.65 9.20
N ARG B 131 -45.15 5.41 9.66
CA ARG B 131 -44.61 5.08 10.98
C ARG B 131 -43.43 4.13 10.78
N ILE B 132 -42.45 4.24 11.68
CA ILE B 132 -41.24 3.44 11.58
C ILE B 132 -41.08 2.58 12.83
N GLU B 133 -40.89 1.29 12.64
CA GLU B 133 -40.66 0.37 13.76
C GLU B 133 -39.25 0.60 14.30
N ILE B 134 -39.13 1.55 15.21
CA ILE B 134 -37.82 2.03 15.70
C ILE B 134 -36.94 0.92 16.27
N ASP B 135 -37.53 0.07 17.11
CA ASP B 135 -36.80 -1.03 17.72
C ASP B 135 -36.38 -2.03 16.65
N ALA B 136 -37.24 -2.22 15.65
CA ALA B 136 -36.93 -3.08 14.52
C ALA B 136 -35.80 -2.49 13.65
N LEU B 137 -35.77 -1.17 13.51
CA LEU B 137 -34.71 -0.50 12.76
C LEU B 137 -33.38 -0.62 13.51
N SER B 138 -33.41 -0.34 14.81
CA SER B 138 -32.26 -0.52 15.69
C SER B 138 -31.69 -1.93 15.58
N ALA B 139 -32.56 -2.93 15.52
CA ALA B 139 -32.15 -4.33 15.47
C ALA B 139 -31.36 -4.71 14.20
N ARG B 140 -31.81 -4.25 13.05
CA ARG B 140 -31.14 -4.56 11.78
C ARG B 140 -29.81 -3.80 11.67
N LEU B 141 -29.81 -2.54 12.09
CA LEU B 141 -28.61 -1.69 12.02
C LEU B 141 -27.55 -2.08 13.04
N GLY B 142 -28.02 -2.50 14.22
CA GLY B 142 -27.13 -2.90 15.31
C GLY B 142 -26.65 -1.72 16.12
N CYS B 143 -27.45 -0.66 16.17
CA CYS B 143 -27.11 0.50 16.99
C CYS B 143 -28.40 1.18 17.46
N PRO B 144 -28.29 2.16 18.37
CA PRO B 144 -29.47 2.89 18.85
C PRO B 144 -30.19 3.70 17.78
N VAL B 145 -31.50 3.85 17.95
CA VAL B 145 -32.31 4.79 17.18
C VAL B 145 -33.15 5.60 18.14
N ILE B 146 -32.81 6.89 18.28
CA ILE B 146 -33.53 7.81 19.15
C ILE B 146 -34.41 8.73 18.30
N PRO B 147 -35.75 8.63 18.45
CA PRO B 147 -36.67 9.46 17.67
C PRO B 147 -36.59 10.94 18.02
N LEU B 148 -36.60 11.79 16.99
CA LEU B 148 -36.40 13.23 17.18
C LEU B 148 -37.37 14.07 16.35
N VAL B 149 -37.70 15.24 16.87
CA VAL B 149 -38.27 16.33 16.07
C VAL B 149 -37.44 17.57 16.42
N SER B 150 -36.27 17.66 15.77
CA SER B 150 -35.19 18.55 16.22
C SER B 150 -35.57 20.04 16.32
N THR B 151 -36.60 20.46 15.61
CA THR B 151 -37.15 21.82 15.77
C THR B 151 -37.84 21.92 17.12
N ARG B 152 -38.83 21.07 17.33
CA ARG B 152 -39.62 21.04 18.57
C ARG B 152 -38.83 20.69 19.85
N GLY B 153 -37.62 20.13 19.69
CA GLY B 153 -36.80 19.72 20.83
C GLY B 153 -37.11 18.33 21.38
N ARG B 154 -37.94 17.58 20.65
CA ARG B 154 -38.36 16.24 21.05
C ARG B 154 -37.23 15.24 20.94
N GLY B 155 -36.97 14.53 22.04
CA GLY B 155 -35.98 13.44 22.04
C GLY B 155 -34.56 13.90 22.28
N ILE B 156 -34.35 15.21 22.43
CA ILE B 156 -33.04 15.76 22.74
C ILE B 156 -32.47 15.05 23.96
N GLU B 157 -33.23 15.06 25.05
CA GLU B 157 -32.81 14.42 26.30
C GLU B 157 -32.68 12.89 26.18
N ALA B 158 -33.53 12.28 25.35
CA ALA B 158 -33.45 10.84 25.08
C ALA B 158 -32.15 10.51 24.32
N LEU B 159 -31.72 11.42 23.46
CA LEU B 159 -30.46 11.27 22.73
C LEU B 159 -29.26 11.51 23.64
N LYS B 160 -29.37 12.48 24.53
CA LYS B 160 -28.34 12.72 25.55
C LYS B 160 -28.15 11.47 26.42
N LEU B 161 -29.25 10.77 26.69
CA LEU B 161 -29.23 9.52 27.43
C LEU B 161 -28.40 8.46 26.68
N ALA B 162 -28.56 8.40 25.37
CA ALA B 162 -27.88 7.40 24.54
C ALA B 162 -26.38 7.62 24.49
N ILE B 163 -25.95 8.87 24.57
CA ILE B 163 -24.51 9.20 24.55
C ILE B 163 -23.84 8.72 25.83
N ASP B 164 -24.54 8.81 26.94
CA ASP B 164 -23.98 8.37 28.22
C ASP B 164 -23.88 6.86 28.31
N ARG B 165 -24.61 6.16 27.44
CA ARG B 165 -24.59 4.70 27.37
C ARG B 165 -23.94 4.17 26.10
N TYR B 166 -23.37 5.06 25.29
CA TYR B 166 -22.89 4.69 23.96
C TYR B 166 -21.87 3.56 24.03
N LYS B 167 -21.85 2.68 23.03
CA LYS B 167 -20.92 1.57 22.99
C LYS B 167 -20.73 1.04 21.57
N ALA B 168 -19.86 0.05 21.40
CA ALA B 168 -19.63 -0.56 20.09
C ALA B 168 -20.96 -1.00 19.51
N ASN B 169 -21.18 -0.74 18.23
CA ASN B 169 -22.37 -1.23 17.57
C ASN B 169 -22.42 -2.74 17.73
N GLU B 170 -23.61 -3.30 17.97
CA GLU B 170 -23.79 -4.74 17.95
C GLU B 170 -23.49 -5.28 16.55
N ASN B 171 -22.49 -6.16 16.47
CA ASN B 171 -21.99 -6.65 15.19
C ASN B 171 -23.03 -7.46 14.43
N VAL B 172 -23.90 -6.77 13.71
CA VAL B 172 -25.00 -7.42 12.99
C VAL B 172 -24.63 -7.70 11.54
N GLU B 173 -25.27 -8.70 10.94
CA GLU B 173 -25.19 -8.92 9.50
C GLU B 173 -25.89 -7.75 8.81
N LEU B 174 -25.50 -7.47 7.58
CA LEU B 174 -26.02 -6.31 6.85
C LEU B 174 -26.15 -6.61 5.37
N VAL B 175 -25.05 -6.50 4.63
CA VAL B 175 -25.04 -6.82 3.21
C VAL B 175 -24.37 -8.18 2.98
N HIS B 176 -24.94 -8.95 2.05
CA HIS B 176 -24.43 -10.27 1.70
C HIS B 176 -23.75 -10.22 0.34
N TYR B 177 -22.46 -9.88 0.34
CA TYR B 177 -21.69 -9.76 -0.89
C TYR B 177 -21.33 -11.13 -1.46
N ALA B 178 -21.29 -11.23 -2.79
CA ALA B 178 -20.85 -12.45 -3.46
C ALA B 178 -19.46 -12.84 -2.99
N GLN B 179 -19.18 -14.14 -2.98
CA GLN B 179 -18.01 -14.67 -2.33
C GLN B 179 -16.69 -14.22 -2.95
N PRO B 180 -16.62 -14.16 -4.29
CA PRO B 180 -15.43 -13.58 -4.91
C PRO B 180 -15.14 -12.14 -4.45
N LEU B 181 -16.18 -11.32 -4.30
CA LEU B 181 -16.02 -9.95 -3.80
C LEU B 181 -15.38 -9.94 -2.40
N LEU B 182 -15.83 -10.82 -1.52
CA LEU B 182 -15.30 -10.91 -0.16
C LEU B 182 -13.90 -11.49 -0.14
N ASN B 183 -13.68 -12.52 -0.94
CA ASN B 183 -12.34 -13.09 -1.09
C ASN B 183 -11.36 -11.97 -1.45
N GLU B 184 -11.68 -11.24 -2.50
CA GLU B 184 -10.82 -10.17 -3.01
C GLU B 184 -10.71 -8.98 -2.08
N ALA B 185 -11.83 -8.57 -1.50
CA ALA B 185 -11.83 -7.47 -0.54
C ALA B 185 -10.85 -7.78 0.60
N ASP B 186 -11.03 -8.94 1.22
CA ASP B 186 -10.15 -9.40 2.31
C ASP B 186 -8.71 -9.56 1.84
N SER B 187 -8.52 -9.86 0.55
CA SER B 187 -7.20 -9.92 -0.07
C SER B 187 -6.49 -8.57 -0.06
N LEU B 188 -7.16 -7.53 -0.57
CA LEU B 188 -6.64 -6.16 -0.52
C LEU B 188 -6.35 -5.73 0.93
N ALA B 189 -7.19 -6.14 1.86
CA ALA B 189 -7.07 -5.75 3.26
C ALA B 189 -5.77 -6.26 3.90
N LYS B 190 -5.38 -7.49 3.61
CA LYS B 190 -4.16 -8.08 4.19
C LYS B 190 -2.96 -7.16 4.00
N VAL B 191 -2.75 -6.71 2.76
CA VAL B 191 -1.61 -5.84 2.43
C VAL B 191 -1.90 -4.35 2.67
N MET B 192 -2.60 -4.05 3.76
CA MET B 192 -2.89 -2.67 4.16
C MET B 192 -2.22 -2.38 5.52
N PRO B 193 -2.16 -1.10 5.93
CA PRO B 193 -1.61 -0.76 7.26
C PRO B 193 -2.37 -1.38 8.42
N SER B 194 -1.63 -1.93 9.39
CA SER B 194 -2.25 -2.61 10.55
C SER B 194 -2.87 -1.67 11.60
N ASP B 195 -2.64 -0.37 11.48
CA ASP B 195 -3.25 0.61 12.41
C ASP B 195 -4.68 1.02 11.98
N ILE B 196 -5.20 0.42 10.91
CA ILE B 196 -6.61 0.55 10.55
C ILE B 196 -7.38 -0.68 11.09
N PRO B 197 -8.59 -0.49 11.63
CA PRO B 197 -9.37 -1.65 12.10
C PRO B 197 -9.71 -2.62 10.97
N LEU B 198 -9.44 -3.90 11.19
CA LEU B 198 -9.72 -4.95 10.19
C LEU B 198 -11.05 -4.71 9.50
N LYS B 199 -12.09 -4.49 10.31
CA LYS B 199 -13.44 -4.20 9.82
C LYS B 199 -13.40 -3.06 8.79
N GLN B 200 -12.72 -1.97 9.12
CA GLN B 200 -12.57 -0.83 8.19
C GLN B 200 -11.77 -1.21 6.95
N ARG B 201 -10.77 -2.07 7.10
CA ARG B 201 -9.94 -2.48 5.97
C ARG B 201 -10.75 -3.29 4.96
N ARG B 202 -11.61 -4.16 5.47
CA ARG B 202 -12.49 -4.96 4.62
C ARG B 202 -13.40 -4.05 3.81
N TRP B 203 -13.86 -2.97 4.43
CA TRP B 203 -14.69 -1.98 3.77
C TRP B 203 -13.94 -1.30 2.63
N LEU B 204 -12.69 -0.93 2.88
CA LEU B 204 -11.86 -0.22 1.89
C LEU B 204 -11.65 -1.04 0.62
N GLY B 205 -11.32 -2.32 0.78
CA GLY B 205 -11.20 -3.25 -0.36
C GLY B 205 -12.46 -3.27 -1.20
N LEU B 206 -13.60 -3.38 -0.53
CA LEU B 206 -14.89 -3.37 -1.21
C LEU B 206 -15.12 -2.08 -1.99
N GLN B 207 -14.69 -0.96 -1.41
CA GLN B 207 -14.81 0.34 -2.07
C GLN B 207 -13.85 0.45 -3.25
N MET B 208 -12.61 0.01 -3.06
CA MET B 208 -11.63 -0.05 -4.14
C MET B 208 -12.12 -0.95 -5.28
N LEU B 209 -12.67 -2.10 -4.92
CA LEU B 209 -13.23 -3.05 -5.89
C LEU B 209 -14.43 -2.47 -6.64
N GLU B 210 -15.24 -1.67 -5.97
CA GLU B 210 -16.40 -1.04 -6.61
C GLU B 210 -15.96 0.07 -7.55
N GLY B 211 -15.00 0.87 -7.12
CA GLY B 211 -14.47 1.97 -7.93
C GLY B 211 -14.26 3.30 -7.20
N ASP B 212 -14.09 3.26 -5.88
CA ASP B 212 -13.85 4.47 -5.11
C ASP B 212 -12.38 4.86 -5.27
N ILE B 213 -12.17 6.09 -5.73
CA ILE B 213 -10.84 6.60 -6.03
C ILE B 213 -10.10 6.99 -4.75
N TYR B 214 -10.87 7.53 -3.81
CA TYR B 214 -10.31 8.20 -2.64
C TYR B 214 -9.85 7.23 -1.56
N SER B 215 -10.52 6.07 -1.45
CA SER B 215 -10.15 5.05 -0.46
C SER B 215 -8.79 4.41 -0.74
N ARG B 216 -8.33 4.48 -2.00
CA ARG B 216 -6.96 4.07 -2.35
C ARG B 216 -5.93 4.76 -1.45
N ALA B 217 -6.20 6.02 -1.11
CA ALA B 217 -5.31 6.83 -0.28
C ALA B 217 -5.04 6.19 1.09
N TYR B 218 -6.07 5.63 1.71
CA TYR B 218 -5.91 4.93 2.99
C TYR B 218 -5.49 3.48 2.75
N ALA B 219 -5.65 3.01 1.52
CA ALA B 219 -5.41 1.60 1.18
C ALA B 219 -3.95 1.15 1.28
N GLY B 220 -3.01 2.10 1.18
CA GLY B 220 -1.59 1.78 1.36
C GLY B 220 -1.00 1.00 0.21
N GLU B 221 -0.19 -0.01 0.53
CA GLU B 221 0.38 -0.89 -0.50
C GLU B 221 -0.71 -1.54 -1.36
N ALA B 222 -1.84 -1.85 -0.73
CA ALA B 222 -2.98 -2.48 -1.41
C ALA B 222 -3.39 -1.79 -2.72
N SER B 223 -3.21 -0.47 -2.78
CA SER B 223 -3.47 0.30 -4.00
C SER B 223 -2.80 -0.33 -5.25
N GLN B 224 -1.58 -0.82 -5.10
CA GLN B 224 -0.84 -1.48 -6.20
C GLN B 224 -1.53 -2.74 -6.73
N HIS B 225 -2.20 -3.47 -5.85
CA HIS B 225 -2.74 -4.79 -6.16
C HIS B 225 -4.20 -4.75 -6.60
N LEU B 226 -4.73 -3.54 -6.84
CA LEU B 226 -6.11 -3.36 -7.26
C LEU B 226 -6.35 -3.96 -8.65
N ASP B 227 -5.38 -3.80 -9.55
CA ASP B 227 -5.53 -4.28 -10.92
C ASP B 227 -5.60 -5.80 -10.96
N ALA B 228 -4.80 -6.46 -10.12
CA ALA B 228 -4.79 -7.91 -10.05
C ALA B 228 -6.11 -8.45 -9.51
N ALA B 229 -6.56 -7.86 -8.40
CA ALA B 229 -7.84 -8.22 -7.79
C ALA B 229 -9.03 -7.99 -8.72
N LEU B 230 -9.04 -6.86 -9.42
CA LEU B 230 -10.10 -6.54 -10.37
C LEU B 230 -10.04 -7.40 -11.63
N ALA B 231 -8.82 -7.82 -12.01
CA ALA B 231 -8.61 -8.68 -13.18
C ALA B 231 -9.04 -10.12 -12.93
N ARG B 232 -8.89 -10.58 -11.69
CA ARG B 232 -9.37 -11.93 -11.31
C ARG B 232 -10.90 -11.97 -11.24
N LEU B 233 -11.49 -11.02 -10.50
CA LEU B 233 -12.94 -10.89 -10.38
C LEU B 233 -13.66 -11.04 -11.71
N ARG B 234 -13.05 -10.51 -12.76
CA ARG B 234 -13.64 -10.48 -14.08
C ARG B 234 -14.01 -11.86 -14.61
N ASN B 235 -13.14 -12.84 -14.39
CA ASN B 235 -13.42 -14.22 -14.81
C ASN B 235 -14.49 -14.85 -13.93
N GLU B 236 -14.49 -14.44 -12.66
CA GLU B 236 -15.33 -15.05 -11.64
C GLU B 236 -16.75 -14.48 -11.58
N MET B 237 -16.95 -13.26 -12.09
CA MET B 237 -18.28 -12.67 -12.19
C MET B 237 -18.32 -11.49 -13.15
N ASP B 238 -19.43 -11.35 -13.86
CA ASP B 238 -19.64 -10.21 -14.76
C ASP B 238 -19.88 -8.94 -13.94
N ASP B 239 -19.05 -7.92 -14.18
CA ASP B 239 -19.30 -6.58 -13.66
C ASP B 239 -19.41 -6.54 -12.11
N PRO B 240 -18.26 -6.62 -11.42
CA PRO B 240 -18.27 -6.55 -9.94
C PRO B 240 -18.76 -5.22 -9.38
N ALA B 241 -18.37 -4.12 -10.02
CA ALA B 241 -18.76 -2.77 -9.58
C ALA B 241 -20.28 -2.58 -9.51
N LEU B 242 -21.05 -3.44 -10.19
CA LEU B 242 -22.51 -3.37 -10.16
C LEU B 242 -23.13 -4.36 -9.19
N HIS B 243 -22.47 -5.51 -8.96
CA HIS B 243 -22.93 -6.48 -7.95
C HIS B 243 -22.82 -5.92 -6.54
N ILE B 244 -21.82 -5.07 -6.32
CA ILE B 244 -21.66 -4.40 -5.04
C ILE B 244 -22.83 -3.45 -4.83
N ALA B 245 -23.09 -2.60 -5.82
CA ALA B 245 -24.17 -1.61 -5.74
C ALA B 245 -25.56 -2.26 -5.57
N ASP B 246 -25.79 -3.37 -6.26
CA ASP B 246 -27.06 -4.08 -6.16
C ASP B 246 -27.26 -4.68 -4.78
N ALA B 247 -26.24 -5.40 -4.29
CA ALA B 247 -26.27 -6.01 -2.95
C ALA B 247 -26.55 -4.98 -1.85
N ARG B 248 -25.99 -3.78 -1.99
CA ARG B 248 -26.32 -2.68 -1.08
C ARG B 248 -27.81 -2.31 -1.18
N TYR B 249 -28.35 -2.31 -2.39
CA TYR B 249 -29.78 -2.01 -2.60
C TYR B 249 -30.66 -3.11 -1.98
N GLN B 250 -30.35 -4.36 -2.30
CA GLN B 250 -31.07 -5.51 -1.73
C GLN B 250 -31.18 -5.38 -0.22
N CYS B 251 -30.07 -5.01 0.41
CA CYS B 251 -30.00 -4.89 1.86
C CYS B 251 -30.94 -3.83 2.40
N ILE B 252 -30.87 -2.63 1.85
CA ILE B 252 -31.65 -1.50 2.36
C ILE B 252 -33.12 -1.71 2.10
N ALA B 253 -33.47 -2.18 0.90
CA ALA B 253 -34.86 -2.48 0.55
C ALA B 253 -35.49 -3.41 1.58
N ALA B 254 -34.79 -4.51 1.90
CA ALA B 254 -35.25 -5.47 2.88
C ALA B 254 -35.58 -4.82 4.21
N ILE B 255 -34.64 -4.03 4.73
CA ILE B 255 -34.83 -3.34 6.01
C ILE B 255 -36.04 -2.41 5.96
N CYS B 256 -36.22 -1.71 4.83
CA CYS B 256 -37.31 -0.76 4.69
C CYS B 256 -38.67 -1.45 4.52
N ASP B 257 -38.68 -2.60 3.86
CA ASP B 257 -39.91 -3.37 3.69
C ASP B 257 -40.49 -3.80 5.03
N VAL B 258 -39.60 -4.09 5.97
CA VAL B 258 -39.96 -4.56 7.31
C VAL B 258 -40.23 -3.42 8.29
N VAL B 259 -39.37 -2.42 8.27
CA VAL B 259 -39.38 -1.35 9.28
C VAL B 259 -40.33 -0.21 8.91
N SER B 260 -40.26 0.24 7.66
CA SER B 260 -41.08 1.36 7.20
C SER B 260 -42.49 0.88 6.85
N ASN B 261 -43.41 1.84 6.78
CA ASN B 261 -44.85 1.60 6.65
C ASN B 261 -45.23 0.74 5.44
N LYS C 2 14.13 -19.88 11.17
CA LYS C 2 14.18 -18.76 10.19
C LYS C 2 15.14 -19.08 9.03
N LYS C 3 15.57 -20.34 8.95
CA LYS C 3 16.32 -20.84 7.81
C LYS C 3 15.44 -20.84 6.56
N LEU C 4 15.99 -20.32 5.46
CA LEU C 4 15.27 -20.22 4.20
C LEU C 4 16.13 -20.90 3.15
N THR C 5 15.59 -21.91 2.47
CA THR C 5 16.32 -22.62 1.41
C THR C 5 15.96 -22.07 0.04
N ILE C 6 16.91 -21.39 -0.60
CA ILE C 6 16.67 -20.77 -1.89
C ILE C 6 17.40 -21.53 -3.00
N GLY C 7 16.72 -21.71 -4.12
CA GLY C 7 17.32 -22.31 -5.31
C GLY C 7 17.78 -21.22 -6.26
N LEU C 8 18.94 -21.43 -6.88
CA LEU C 8 19.51 -20.48 -7.82
C LEU C 8 19.36 -21.05 -9.23
N ILE C 9 18.44 -20.49 -10.00
CA ILE C 9 18.09 -21.04 -11.32
C ILE C 9 18.20 -19.98 -12.41
N GLY C 10 18.44 -20.42 -13.63
CA GLY C 10 18.48 -19.55 -14.78
C GLY C 10 18.96 -20.24 -16.05
N ASN C 11 18.97 -19.51 -17.15
CA ASN C 11 19.52 -20.03 -18.39
C ASN C 11 21.00 -20.35 -18.21
N PRO C 12 21.55 -21.26 -19.03
CA PRO C 12 22.99 -21.46 -18.99
C PRO C 12 23.67 -20.22 -19.52
N ASN C 13 24.82 -19.88 -18.97
CA ASN C 13 25.59 -18.74 -19.45
C ASN C 13 24.87 -17.42 -19.17
N SER C 14 24.46 -17.24 -17.92
CA SER C 14 23.72 -16.04 -17.49
C SER C 14 24.33 -15.41 -16.24
N GLY C 15 25.60 -15.71 -15.98
CA GLY C 15 26.27 -15.21 -14.77
C GLY C 15 25.68 -15.79 -13.50
N LYS C 16 25.25 -17.05 -13.57
CA LYS C 16 24.57 -17.71 -12.45
C LYS C 16 25.57 -18.15 -11.38
N THR C 17 26.66 -18.79 -11.80
CA THR C 17 27.69 -19.25 -10.88
C THR C 17 28.44 -18.05 -10.26
N THR C 18 28.64 -17.00 -11.04
CA THR C 18 29.27 -15.77 -10.55
C THR C 18 28.49 -15.18 -9.38
N LEU C 19 27.17 -15.11 -9.53
CA LEU C 19 26.30 -14.57 -8.49
C LEU C 19 26.33 -15.46 -7.25
N PHE C 20 26.52 -16.76 -7.47
CA PHE C 20 26.55 -17.72 -6.38
C PHE C 20 27.72 -17.44 -5.47
N ASN C 21 28.91 -17.36 -6.07
CA ASN C 21 30.14 -17.13 -5.30
C ASN C 21 30.09 -15.83 -4.51
N GLN C 22 29.52 -14.80 -5.11
CA GLN C 22 29.41 -13.50 -4.43
C GLN C 22 28.48 -13.55 -3.22
N LEU C 23 27.41 -14.34 -3.32
CA LEU C 23 26.47 -14.48 -2.21
C LEU C 23 27.05 -15.35 -1.11
N THR C 24 27.59 -16.50 -1.48
CA THR C 24 28.09 -17.45 -0.49
C THR C 24 29.50 -17.10 0.00
N GLY C 25 30.36 -16.68 -0.92
CA GLY C 25 31.78 -16.46 -0.59
C GLY C 25 32.45 -17.77 -0.28
N SER C 26 33.23 -17.80 0.80
CA SER C 26 33.85 -19.05 1.25
C SER C 26 32.88 -19.95 1.99
N ARG C 27 31.70 -19.43 2.32
CA ARG C 27 30.68 -20.19 3.03
C ARG C 27 29.95 -21.10 2.04
N GLN C 28 30.67 -22.08 1.50
CA GLN C 28 30.08 -23.03 0.56
C GLN C 28 30.69 -24.42 0.65
N ARG C 29 30.03 -25.36 -0.01
CA ARG C 29 30.47 -26.75 -0.08
C ARG C 29 30.10 -27.35 -1.45
N VAL C 30 30.95 -28.25 -1.93
CA VAL C 30 30.74 -28.89 -3.22
C VAL C 30 30.46 -30.38 -3.02
N GLY C 31 29.47 -30.89 -3.74
CA GLY C 31 29.10 -32.30 -3.68
C GLY C 31 28.51 -32.74 -5.02
N ASN C 32 27.65 -33.76 -4.96
CA ASN C 32 27.00 -34.28 -6.17
C ASN C 32 25.52 -34.54 -5.95
N TRP C 33 24.77 -34.61 -7.05
CA TRP C 33 23.34 -34.92 -6.99
C TRP C 33 23.15 -36.41 -6.71
N ALA C 34 21.91 -36.80 -6.42
CA ALA C 34 21.58 -38.16 -6.00
C ALA C 34 21.86 -39.18 -7.10
N GLY C 35 22.87 -40.01 -6.88
CA GLY C 35 23.28 -41.05 -7.83
C GLY C 35 23.74 -40.51 -9.17
N VAL C 36 24.46 -39.38 -9.16
CA VAL C 36 24.86 -38.70 -10.39
C VAL C 36 26.22 -38.01 -10.23
N THR C 37 26.97 -37.92 -11.32
CA THR C 37 28.28 -37.28 -11.33
C THR C 37 28.19 -35.75 -11.25
N VAL C 38 27.11 -35.16 -11.76
CA VAL C 38 26.98 -33.70 -11.81
C VAL C 38 27.17 -33.07 -10.43
N GLU C 39 27.92 -31.97 -10.41
CA GLU C 39 28.22 -31.25 -9.16
C GLU C 39 26.98 -30.60 -8.57
N ARG C 40 26.94 -30.53 -7.24
CA ARG C 40 25.82 -29.94 -6.51
C ARG C 40 26.36 -28.95 -5.48
N LYS C 41 26.78 -27.78 -5.94
CA LYS C 41 27.24 -26.72 -5.04
C LYS C 41 26.13 -26.30 -4.08
N GLU C 42 26.54 -25.90 -2.88
CA GLU C 42 25.61 -25.47 -1.84
C GLU C 42 26.35 -24.58 -0.86
N GLY C 43 25.78 -23.42 -0.54
CA GLY C 43 26.43 -22.48 0.36
C GLY C 43 25.49 -21.75 1.29
N GLN C 44 26.07 -20.91 2.14
CA GLN C 44 25.33 -20.15 3.16
C GLN C 44 25.59 -18.67 3.01
N PHE C 45 24.58 -17.87 3.33
CA PHE C 45 24.75 -16.44 3.51
C PHE C 45 23.64 -15.92 4.41
N SER C 46 23.75 -14.67 4.85
CA SER C 46 22.83 -14.13 5.84
C SER C 46 22.28 -12.78 5.43
N THR C 47 21.04 -12.53 5.83
CA THR C 47 20.36 -11.30 5.57
C THR C 47 19.89 -10.79 6.92
N THR C 48 19.16 -9.68 6.96
CA THR C 48 18.73 -9.09 8.22
C THR C 48 17.88 -10.03 9.06
N ASP C 49 16.99 -10.78 8.41
CA ASP C 49 16.00 -11.62 9.11
C ASP C 49 16.17 -13.12 8.94
N HIS C 50 16.90 -13.53 7.90
CA HIS C 50 16.95 -14.93 7.51
C HIS C 50 18.37 -15.44 7.36
N GLN C 51 18.57 -16.69 7.74
CA GLN C 51 19.80 -17.42 7.50
C GLN C 51 19.54 -18.28 6.28
N VAL C 52 20.17 -17.93 5.16
CA VAL C 52 19.84 -18.55 3.88
C VAL C 52 20.76 -19.71 3.55
N THR C 53 20.20 -20.76 2.94
CA THR C 53 20.98 -21.84 2.33
C THR C 53 20.71 -21.85 0.83
N LEU C 54 21.71 -21.47 0.05
CA LEU C 54 21.59 -21.34 -1.39
C LEU C 54 21.97 -22.65 -2.06
N VAL C 55 21.07 -23.19 -2.89
CA VAL C 55 21.36 -24.38 -3.68
C VAL C 55 21.47 -23.98 -5.15
N ASP C 56 22.57 -24.34 -5.79
CA ASP C 56 22.80 -24.01 -7.20
C ASP C 56 22.31 -25.14 -8.12
N LEU C 57 21.30 -24.85 -8.94
CA LEU C 57 20.80 -25.81 -9.93
C LEU C 57 21.56 -25.63 -11.24
N PRO C 58 21.59 -26.68 -12.08
CA PRO C 58 22.26 -26.59 -13.38
C PRO C 58 21.68 -25.55 -14.33
N GLY C 59 22.52 -25.05 -15.23
CA GLY C 59 22.08 -24.16 -16.30
C GLY C 59 21.07 -24.87 -17.18
N THR C 60 19.87 -24.31 -17.29
CA THR C 60 18.77 -24.94 -18.01
C THR C 60 17.93 -23.90 -18.76
N TYR C 61 17.67 -24.18 -20.03
CA TYR C 61 16.83 -23.31 -20.86
C TYR C 61 15.34 -23.57 -20.61
N SER C 62 15.00 -24.79 -20.21
CA SER C 62 13.64 -25.15 -19.85
C SER C 62 13.63 -26.32 -18.89
N LEU C 63 12.62 -26.36 -18.01
CA LEU C 63 12.45 -27.49 -17.10
C LEU C 63 12.01 -28.75 -17.86
N THR C 64 11.33 -28.54 -18.98
CA THR C 64 10.85 -29.64 -19.81
C THR C 64 11.27 -29.44 -21.26
N THR C 65 11.05 -30.47 -22.07
CA THR C 65 11.34 -30.40 -23.50
C THR C 65 10.16 -30.99 -24.30
N ILE C 66 9.54 -30.16 -25.14
CA ILE C 66 8.32 -30.56 -25.84
C ILE C 66 8.66 -31.36 -27.08
N SER C 67 9.29 -30.73 -28.06
CA SER C 67 9.58 -31.37 -29.34
C SER C 67 10.88 -32.17 -29.28
N SER C 68 11.91 -31.60 -28.68
CA SER C 68 13.21 -32.27 -28.54
C SER C 68 13.15 -33.39 -27.48
N GLN C 69 14.32 -33.88 -27.09
CA GLN C 69 14.45 -34.83 -25.98
C GLN C 69 15.35 -34.20 -24.90
N THR C 70 14.99 -34.43 -23.64
CA THR C 70 15.58 -33.67 -22.54
C THR C 70 17.04 -34.03 -22.25
N SER C 71 17.65 -33.24 -21.36
CA SER C 71 19.05 -33.43 -20.95
C SER C 71 19.13 -33.76 -19.46
N LEU C 72 20.31 -34.17 -19.01
CA LEU C 72 20.53 -34.51 -17.59
C LEU C 72 20.29 -33.29 -16.71
N ASP C 73 20.98 -32.19 -17.02
CA ASP C 73 20.85 -30.94 -16.27
C ASP C 73 19.38 -30.53 -16.13
N GLU C 74 18.63 -30.59 -17.22
CA GLU C 74 17.21 -30.26 -17.20
C GLU C 74 16.39 -31.22 -16.32
N GLN C 75 16.71 -32.52 -16.37
CA GLN C 75 16.05 -33.51 -15.52
C GLN C 75 16.36 -33.28 -14.05
N ILE C 76 17.59 -32.90 -13.75
CA ILE C 76 17.99 -32.56 -12.38
C ILE C 76 17.30 -31.27 -11.94
N ALA C 77 17.30 -30.29 -12.83
CA ALA C 77 16.69 -29.00 -12.55
C ALA C 77 15.19 -29.15 -12.27
N CYS C 78 14.48 -29.80 -13.19
CA CYS C 78 13.04 -30.01 -13.07
C CYS C 78 12.67 -30.78 -11.80
N HIS C 79 13.47 -31.79 -11.47
CA HIS C 79 13.22 -32.64 -10.30
C HIS C 79 13.36 -31.85 -9.00
N TYR C 80 14.29 -30.91 -8.96
CA TYR C 80 14.49 -30.10 -7.76
C TYR C 80 13.38 -29.06 -7.55
N ILE C 81 12.87 -28.48 -8.64
CA ILE C 81 11.78 -27.51 -8.52
C ILE C 81 10.50 -28.22 -8.06
N LEU C 82 10.28 -29.42 -8.56
CA LEU C 82 9.12 -30.23 -8.19
C LEU C 82 9.32 -30.91 -6.83
N SER C 83 10.55 -30.95 -6.35
CA SER C 83 10.84 -31.43 -4.99
C SER C 83 10.06 -30.67 -3.92
N GLY C 84 9.97 -29.35 -4.08
CA GLY C 84 9.37 -28.49 -3.06
C GLY C 84 10.30 -28.27 -1.87
N ASP C 85 11.58 -28.63 -2.05
CA ASP C 85 12.59 -28.42 -1.02
C ASP C 85 12.86 -26.94 -0.82
N ALA C 86 12.96 -26.22 -1.94
CA ALA C 86 13.23 -24.78 -1.93
C ALA C 86 12.01 -24.00 -1.46
N ASP C 87 12.25 -23.04 -0.57
CA ASP C 87 11.19 -22.17 -0.06
C ASP C 87 10.85 -21.10 -1.10
N LEU C 88 11.89 -20.55 -1.72
CA LEU C 88 11.71 -19.63 -2.85
C LEU C 88 12.85 -19.87 -3.84
N LEU C 89 12.86 -19.13 -4.94
CA LEU C 89 13.92 -19.28 -5.94
C LEU C 89 14.41 -17.92 -6.44
N ILE C 90 15.74 -17.75 -6.47
CA ILE C 90 16.34 -16.60 -7.13
C ILE C 90 16.53 -16.94 -8.62
N ASN C 91 15.70 -16.33 -9.46
CA ASN C 91 15.75 -16.55 -10.89
C ASN C 91 16.77 -15.61 -11.51
N VAL C 92 17.84 -16.17 -12.06
CA VAL C 92 18.89 -15.38 -12.72
C VAL C 92 18.51 -15.19 -14.18
N VAL C 93 18.38 -13.94 -14.61
CA VAL C 93 17.88 -13.59 -15.94
C VAL C 93 18.84 -12.65 -16.67
N ASP C 94 19.18 -12.98 -17.91
CA ASP C 94 20.05 -12.16 -18.75
C ASP C 94 19.23 -11.05 -19.41
N ALA C 95 19.52 -9.80 -19.06
CA ALA C 95 18.81 -8.63 -19.59
C ALA C 95 19.07 -8.41 -21.08
N SER C 96 20.23 -8.86 -21.55
CA SER C 96 20.58 -8.76 -22.97
C SER C 96 19.76 -9.74 -23.83
N ASN C 97 19.35 -10.86 -23.25
CA ASN C 97 18.58 -11.88 -23.98
C ASN C 97 17.24 -12.16 -23.27
N LEU C 98 16.51 -11.09 -22.94
CA LEU C 98 15.31 -11.16 -22.10
C LEU C 98 14.31 -12.21 -22.58
N GLU C 99 13.83 -12.07 -23.82
CA GLU C 99 12.77 -12.94 -24.36
C GLU C 99 13.08 -14.43 -24.25
N ARG C 100 14.32 -14.79 -24.55
CA ARG C 100 14.78 -16.18 -24.46
C ARG C 100 14.87 -16.67 -23.02
N ASN C 101 15.21 -15.76 -22.10
CA ASN C 101 15.33 -16.10 -20.69
C ASN C 101 13.98 -16.28 -20.01
N LEU C 102 13.01 -15.44 -20.36
CA LEU C 102 11.69 -15.47 -19.73
C LEU C 102 10.95 -16.79 -19.96
N TYR C 103 11.36 -17.57 -20.95
CA TYR C 103 10.72 -18.86 -21.21
C TYR C 103 10.81 -19.78 -19.98
N LEU C 104 11.97 -19.78 -19.33
CA LEU C 104 12.16 -20.54 -18.08
C LEU C 104 11.43 -19.90 -16.90
N THR C 105 11.42 -18.56 -16.87
CA THR C 105 10.77 -17.81 -15.80
C THR C 105 9.27 -18.11 -15.75
N LEU C 106 8.65 -18.19 -16.92
CA LEU C 106 7.22 -18.47 -17.04
C LEU C 106 6.90 -19.83 -16.44
N GLN C 107 7.70 -20.84 -16.77
CA GLN C 107 7.51 -22.17 -16.21
C GLN C 107 7.46 -22.11 -14.68
N LEU C 108 8.35 -21.32 -14.08
CA LEU C 108 8.44 -21.22 -12.61
C LEU C 108 7.26 -20.46 -12.00
N LEU C 109 6.81 -19.41 -12.69
CA LEU C 109 5.66 -18.64 -12.25
C LEU C 109 4.34 -19.38 -12.49
N GLU C 110 4.31 -20.24 -13.51
CA GLU C 110 3.11 -21.06 -13.76
C GLU C 110 2.95 -22.17 -12.73
N LEU C 111 4.06 -22.78 -12.32
CA LEU C 111 4.06 -23.77 -11.24
C LEU C 111 3.74 -23.14 -9.87
N GLY C 112 3.84 -21.81 -9.78
CA GLY C 112 3.48 -21.09 -8.57
C GLY C 112 4.51 -21.12 -7.45
N ILE C 113 5.74 -21.51 -7.80
CA ILE C 113 6.84 -21.56 -6.84
C ILE C 113 7.27 -20.12 -6.52
N PRO C 114 7.41 -19.79 -5.22
CA PRO C 114 7.80 -18.42 -4.85
C PRO C 114 9.11 -18.00 -5.50
N CYS C 115 9.16 -16.75 -5.98
CA CYS C 115 10.17 -16.35 -6.94
C CYS C 115 10.61 -14.89 -6.84
N ILE C 116 11.93 -14.67 -6.78
CA ILE C 116 12.53 -13.35 -6.92
C ILE C 116 13.39 -13.38 -8.17
N VAL C 117 13.22 -12.40 -9.05
CA VAL C 117 13.98 -12.35 -10.30
C VAL C 117 15.21 -11.48 -10.14
N ALA C 118 16.34 -12.01 -10.58
CA ALA C 118 17.60 -11.31 -10.57
C ALA C 118 18.02 -10.98 -12.00
N LEU C 119 17.82 -9.73 -12.41
CA LEU C 119 18.25 -9.25 -13.73
C LEU C 119 19.76 -9.02 -13.73
N ASN C 120 20.44 -9.67 -14.66
CA ASN C 120 21.89 -9.65 -14.73
C ASN C 120 22.34 -9.27 -16.14
N MET C 121 23.63 -9.01 -16.30
CA MET C 121 24.21 -8.53 -17.57
C MET C 121 23.64 -7.16 -17.94
N LEU C 122 23.32 -6.34 -16.92
CA LEU C 122 22.76 -5.00 -17.11
C LEU C 122 23.65 -4.14 -18.01
N ASP C 123 24.96 -4.30 -17.86
CA ASP C 123 25.92 -3.58 -18.69
C ASP C 123 25.82 -3.99 -20.17
N ILE C 124 25.70 -5.30 -20.43
CA ILE C 124 25.55 -5.81 -21.80
C ILE C 124 24.24 -5.32 -22.41
N ALA C 125 23.19 -5.26 -21.60
CA ALA C 125 21.93 -4.69 -22.03
C ALA C 125 22.11 -3.25 -22.54
N GLU C 126 22.98 -2.49 -21.88
CA GLU C 126 23.25 -1.10 -22.29
C GLU C 126 24.13 -1.02 -23.55
N LYS C 127 25.16 -1.85 -23.62
CA LYS C 127 26.03 -1.90 -24.82
C LYS C 127 25.23 -2.26 -26.06
N GLN C 128 24.20 -3.07 -25.90
CA GLN C 128 23.26 -3.36 -26.99
C GLN C 128 22.03 -2.44 -26.94
N ASN C 129 22.08 -1.41 -26.09
CA ASN C 129 20.98 -0.45 -25.89
C ASN C 129 19.64 -1.10 -25.56
N ILE C 130 19.53 -1.61 -24.33
CA ILE C 130 18.30 -2.24 -23.84
C ILE C 130 17.83 -1.54 -22.57
N ARG C 131 16.52 -1.27 -22.52
CA ARG C 131 15.90 -0.53 -21.43
C ARG C 131 14.70 -1.34 -20.93
N ILE C 132 14.63 -1.56 -19.61
CA ILE C 132 13.59 -2.40 -19.01
C ILE C 132 12.88 -1.71 -17.85
N GLU C 133 11.60 -1.43 -18.02
CA GLU C 133 10.80 -0.89 -16.92
C GLU C 133 10.68 -1.97 -15.85
N ILE C 134 11.35 -1.77 -14.72
CA ILE C 134 11.52 -2.84 -13.73
C ILE C 134 10.19 -3.27 -13.14
N ASP C 135 9.38 -2.28 -12.75
CA ASP C 135 8.07 -2.54 -12.16
C ASP C 135 7.08 -3.10 -13.18
N ALA C 136 7.15 -2.63 -14.42
CA ALA C 136 6.31 -3.14 -15.49
C ALA C 136 6.53 -4.64 -15.66
N LEU C 137 7.80 -5.05 -15.69
CA LEU C 137 8.14 -6.47 -15.78
C LEU C 137 7.64 -7.24 -14.57
N SER C 138 7.79 -6.64 -13.39
CA SER C 138 7.36 -7.26 -12.14
C SER C 138 5.84 -7.29 -12.06
N ALA C 139 5.20 -6.26 -12.61
CA ALA C 139 3.73 -6.20 -12.66
C ALA C 139 3.17 -7.38 -13.43
N ARG C 140 3.76 -7.68 -14.58
CA ARG C 140 3.25 -8.72 -15.47
C ARG C 140 3.72 -10.13 -15.11
N LEU C 141 4.81 -10.22 -14.36
CA LEU C 141 5.29 -11.51 -13.88
C LEU C 141 4.54 -11.97 -12.62
N GLY C 142 4.30 -11.04 -11.71
CA GLY C 142 3.63 -11.35 -10.46
C GLY C 142 4.60 -11.61 -9.32
N CYS C 143 5.80 -11.05 -9.42
CA CYS C 143 6.85 -11.26 -8.43
C CYS C 143 7.91 -10.16 -8.56
N PRO C 144 8.77 -10.02 -7.54
CA PRO C 144 9.75 -8.94 -7.57
C PRO C 144 10.89 -9.14 -8.57
N VAL C 145 11.16 -8.12 -9.38
CA VAL C 145 12.29 -8.08 -10.29
C VAL C 145 13.36 -7.14 -9.74
N ILE C 146 14.54 -7.67 -9.39
CA ILE C 146 15.62 -6.88 -8.76
C ILE C 146 16.88 -6.76 -9.63
N PRO C 147 17.25 -5.53 -10.01
CA PRO C 147 18.51 -5.25 -10.75
C PRO C 147 19.77 -5.58 -9.97
N LEU C 148 20.58 -6.48 -10.51
CA LEU C 148 21.89 -6.77 -9.93
C LEU C 148 22.88 -5.73 -10.45
N VAL C 149 22.90 -4.56 -9.80
CA VAL C 149 23.91 -3.54 -10.09
C VAL C 149 25.24 -3.95 -9.46
N SER C 150 26.30 -3.89 -10.27
CA SER C 150 27.65 -4.33 -9.86
C SER C 150 28.32 -3.45 -8.80
N THR C 151 28.36 -2.15 -9.06
CA THR C 151 29.18 -1.21 -8.30
C THR C 151 29.01 -1.36 -6.80
N ARG C 152 30.04 -1.91 -6.15
CA ARG C 152 30.06 -2.10 -4.70
C ARG C 152 28.95 -3.07 -4.26
N GLY C 153 28.76 -4.14 -5.04
CA GLY C 153 27.75 -5.16 -4.75
C GLY C 153 26.40 -4.64 -4.29
N ARG C 154 25.98 -3.51 -4.86
CA ARG C 154 24.73 -2.88 -4.49
C ARG C 154 23.52 -3.70 -4.91
N GLY C 155 23.64 -4.40 -6.03
CA GLY C 155 22.60 -5.29 -6.52
C GLY C 155 22.38 -6.51 -5.65
N ILE C 156 23.44 -6.99 -5.00
CA ILE C 156 23.34 -8.08 -4.05
C ILE C 156 22.62 -7.62 -2.79
N GLU C 157 22.96 -6.45 -2.29
CA GLU C 157 22.28 -5.91 -1.12
C GLU C 157 20.79 -5.73 -1.40
N ALA C 158 20.47 -5.12 -2.53
CA ALA C 158 19.08 -4.97 -2.95
C ALA C 158 18.33 -6.30 -2.94
N LEU C 159 19.04 -7.36 -3.36
CA LEU C 159 18.47 -8.70 -3.43
C LEU C 159 18.18 -9.29 -2.04
N LYS C 160 19.12 -9.14 -1.11
CA LYS C 160 18.94 -9.64 0.26
C LYS C 160 17.77 -8.96 0.97
N LEU C 161 17.49 -7.71 0.61
CA LEU C 161 16.34 -7.00 1.16
C LEU C 161 15.07 -7.63 0.59
N ALA C 162 15.02 -7.76 -0.74
CA ALA C 162 13.89 -8.42 -1.38
C ALA C 162 13.60 -9.73 -0.67
N ILE C 163 14.62 -10.56 -0.49
CA ILE C 163 14.47 -11.84 0.18
C ILE C 163 13.79 -11.64 1.54
N ASP C 164 14.33 -10.75 2.37
CA ASP C 164 13.79 -10.50 3.72
C ASP C 164 12.37 -9.94 3.71
N ARG C 165 12.03 -9.22 2.65
CA ARG C 165 10.74 -8.57 2.55
C ARG C 165 9.77 -9.38 1.70
N TYR C 166 10.21 -10.56 1.26
CA TYR C 166 9.38 -11.36 0.37
C TYR C 166 8.19 -11.98 1.09
N LYS C 167 7.02 -11.85 0.50
CA LYS C 167 5.81 -12.49 1.02
C LYS C 167 5.44 -13.67 0.11
N ALA C 168 4.75 -13.41 -1.01
CA ALA C 168 4.29 -14.47 -1.91
C ALA C 168 4.23 -13.95 -3.34
N ASN C 169 4.06 -14.86 -4.30
CA ASN C 169 3.87 -14.45 -5.69
C ASN C 169 2.45 -13.91 -5.89
N GLU C 170 2.34 -12.87 -6.71
CA GLU C 170 1.04 -12.31 -7.07
C GLU C 170 0.33 -13.27 -8.00
N ASN C 171 -0.91 -13.60 -7.64
CA ASN C 171 -1.73 -14.52 -8.41
C ASN C 171 -2.25 -13.80 -9.65
N VAL C 172 -1.45 -13.78 -10.70
CA VAL C 172 -1.79 -13.06 -11.94
C VAL C 172 -1.84 -14.00 -13.13
N GLU C 173 -2.86 -13.84 -13.98
CA GLU C 173 -2.98 -14.61 -15.22
C GLU C 173 -1.86 -14.20 -16.16
N LEU C 174 -0.90 -15.10 -16.35
CA LEU C 174 0.25 -14.84 -17.21
C LEU C 174 -0.12 -15.16 -18.66
N VAL C 175 -0.47 -16.42 -18.90
CA VAL C 175 -0.74 -16.91 -20.25
C VAL C 175 -2.23 -17.15 -20.42
N HIS C 176 -2.78 -16.71 -21.55
CA HIS C 176 -4.23 -16.71 -21.79
C HIS C 176 -4.66 -17.85 -22.72
N TYR C 177 -4.78 -19.05 -22.14
CA TYR C 177 -5.13 -20.27 -22.88
C TYR C 177 -6.61 -20.32 -23.24
N ALA C 178 -6.90 -20.77 -24.46
CA ALA C 178 -8.28 -21.01 -24.91
C ALA C 178 -9.01 -21.93 -23.93
N GLN C 179 -10.24 -21.54 -23.57
CA GLN C 179 -10.96 -22.17 -22.45
C GLN C 179 -11.00 -23.71 -22.47
N PRO C 180 -11.29 -24.33 -23.62
CA PRO C 180 -11.25 -25.80 -23.66
C PRO C 180 -9.91 -26.43 -23.23
N LEU C 181 -8.80 -25.76 -23.53
CA LEU C 181 -7.48 -26.24 -23.11
C LEU C 181 -7.42 -26.34 -21.58
N LEU C 182 -7.81 -25.26 -20.91
CA LEU C 182 -7.84 -25.20 -19.44
C LEU C 182 -8.72 -26.30 -18.85
N ASN C 183 -9.91 -26.48 -19.41
CA ASN C 183 -10.86 -27.50 -18.96
C ASN C 183 -10.26 -28.89 -19.03
N GLU C 184 -9.66 -29.21 -20.18
CA GLU C 184 -9.06 -30.52 -20.38
C GLU C 184 -7.79 -30.70 -19.55
N ALA C 185 -7.03 -29.62 -19.39
CA ALA C 185 -5.85 -29.63 -18.52
C ALA C 185 -6.24 -29.77 -17.05
N ASP C 186 -7.39 -29.21 -16.69
CA ASP C 186 -7.94 -29.39 -15.36
C ASP C 186 -8.54 -30.78 -15.18
N SER C 187 -9.11 -31.32 -16.26
CA SER C 187 -9.69 -32.66 -16.21
C SER C 187 -8.59 -33.70 -16.01
N LEU C 188 -7.52 -33.59 -16.78
CA LEU C 188 -6.33 -34.44 -16.60
C LEU C 188 -5.73 -34.29 -15.21
N ALA C 189 -5.74 -33.06 -14.71
CA ALA C 189 -5.17 -32.73 -13.40
C ALA C 189 -5.88 -33.48 -12.26
N LYS C 190 -7.21 -33.58 -12.37
CA LYS C 190 -8.03 -34.21 -11.33
C LYS C 190 -7.58 -35.63 -10.95
N VAL C 191 -6.95 -36.33 -11.89
CA VAL C 191 -6.61 -37.74 -11.68
C VAL C 191 -5.11 -38.00 -11.46
N MET C 192 -4.35 -36.93 -11.20
CA MET C 192 -2.92 -37.06 -10.89
C MET C 192 -2.72 -37.23 -9.37
N PRO C 193 -1.57 -37.77 -8.94
CA PRO C 193 -1.27 -37.93 -7.52
C PRO C 193 -1.55 -36.66 -6.71
N SER C 194 -2.36 -36.79 -5.67
CA SER C 194 -2.90 -35.64 -4.93
C SER C 194 -1.85 -34.88 -4.10
N ASP C 195 -0.77 -35.54 -3.72
CA ASP C 195 0.32 -34.89 -3.00
C ASP C 195 0.91 -33.72 -3.82
N ILE C 196 0.80 -33.81 -5.15
CA ILE C 196 1.18 -32.72 -6.06
C ILE C 196 0.20 -31.55 -5.96
N PRO C 197 0.71 -30.33 -5.67
CA PRO C 197 -0.18 -29.17 -5.52
C PRO C 197 -1.09 -28.95 -6.73
N LEU C 198 -2.25 -28.31 -6.50
CA LEU C 198 -3.22 -28.05 -7.55
C LEU C 198 -2.60 -27.31 -8.74
N LYS C 199 -2.02 -26.15 -8.50
CA LYS C 199 -1.51 -25.28 -9.57
C LYS C 199 -0.51 -26.02 -10.47
N GLN C 200 0.48 -26.64 -9.83
CA GLN C 200 1.47 -27.44 -10.54
C GLN C 200 0.82 -28.57 -11.32
N ARG C 201 -0.20 -29.18 -10.72
CA ARG C 201 -0.91 -30.29 -11.35
C ARG C 201 -1.63 -29.86 -12.63
N ARG C 202 -2.18 -28.65 -12.62
CA ARG C 202 -2.84 -28.06 -13.79
C ARG C 202 -1.82 -27.77 -14.90
N TRP C 203 -0.65 -27.27 -14.48
CA TRP C 203 0.45 -26.98 -15.39
C TRP C 203 0.91 -28.24 -16.11
N LEU C 204 0.98 -29.35 -15.37
CA LEU C 204 1.37 -30.65 -15.94
C LEU C 204 0.42 -31.08 -17.05
N GLY C 205 -0.88 -30.85 -16.83
CA GLY C 205 -1.91 -31.12 -17.83
C GLY C 205 -1.71 -30.37 -19.14
N LEU C 206 -1.39 -29.08 -19.06
CA LEU C 206 -1.05 -28.29 -20.24
C LEU C 206 0.18 -28.88 -20.94
N GLN C 207 1.15 -29.33 -20.16
CA GLN C 207 2.39 -29.87 -20.72
C GLN C 207 2.13 -31.14 -21.52
N MET C 208 1.33 -32.05 -20.96
CA MET C 208 0.97 -33.27 -21.65
C MET C 208 0.28 -32.93 -22.97
N LEU C 209 -0.75 -32.10 -22.89
CA LEU C 209 -1.51 -31.66 -24.07
C LEU C 209 -0.62 -30.99 -25.12
N GLU C 210 0.32 -30.17 -24.67
CA GLU C 210 1.28 -29.51 -25.58
C GLU C 210 2.28 -30.52 -26.17
N GLY C 211 2.36 -31.71 -25.57
CA GLY C 211 3.14 -32.81 -26.12
C GLY C 211 4.38 -33.17 -25.33
N ASP C 212 4.40 -32.78 -24.06
CA ASP C 212 5.54 -33.07 -23.20
C ASP C 212 5.47 -34.52 -22.77
N ILE C 213 6.46 -35.31 -23.16
CA ILE C 213 6.46 -36.74 -22.88
C ILE C 213 7.08 -37.01 -21.52
N TYR C 214 8.01 -36.15 -21.11
CA TYR C 214 8.70 -36.33 -19.85
C TYR C 214 7.83 -35.97 -18.64
N SER C 215 6.90 -35.03 -18.79
CA SER C 215 5.97 -34.73 -17.70
C SER C 215 4.95 -35.85 -17.47
N ARG C 216 4.82 -36.77 -18.44
CA ARG C 216 3.91 -37.92 -18.30
C ARG C 216 4.26 -38.82 -17.11
N ALA C 217 5.54 -38.81 -16.72
CA ALA C 217 6.02 -39.58 -15.57
C ALA C 217 5.44 -39.03 -14.27
N TYR C 218 5.44 -37.72 -14.13
CA TYR C 218 4.90 -37.06 -12.93
C TYR C 218 3.37 -37.10 -12.90
N ALA C 219 2.76 -37.19 -14.08
CA ALA C 219 1.29 -37.10 -14.21
C ALA C 219 0.57 -38.22 -13.46
N GLY C 220 1.15 -39.42 -13.48
CA GLY C 220 0.54 -40.57 -12.86
C GLY C 220 -0.49 -41.18 -13.79
N GLU C 221 -1.68 -41.45 -13.27
CA GLU C 221 -2.73 -42.11 -14.03
C GLU C 221 -3.25 -41.24 -15.19
N ALA C 222 -3.16 -39.92 -15.02
CA ALA C 222 -3.54 -38.95 -16.05
C ALA C 222 -2.95 -39.31 -17.42
N SER C 223 -1.76 -39.88 -17.41
CA SER C 223 -1.09 -40.40 -18.61
C SER C 223 -2.00 -41.22 -19.52
N GLN C 224 -2.92 -41.99 -18.94
CA GLN C 224 -3.87 -42.81 -19.70
C GLN C 224 -4.89 -41.98 -20.47
N HIS C 225 -5.48 -40.97 -19.82
CA HIS C 225 -6.61 -40.21 -20.39
C HIS C 225 -6.21 -39.10 -21.38
N LEU C 226 -4.98 -39.13 -21.89
CA LEU C 226 -4.50 -38.06 -22.80
C LEU C 226 -5.09 -38.20 -24.21
N ASP C 227 -5.39 -39.41 -24.66
CA ASP C 227 -6.02 -39.62 -25.97
C ASP C 227 -7.48 -39.21 -25.94
N ALA C 228 -8.18 -39.59 -24.88
CA ALA C 228 -9.53 -39.08 -24.65
C ALA C 228 -9.50 -37.55 -24.72
N ALA C 229 -8.59 -36.94 -23.97
CA ALA C 229 -8.47 -35.48 -23.91
C ALA C 229 -8.10 -34.85 -25.25
N LEU C 230 -7.05 -35.33 -25.89
CA LEU C 230 -6.57 -34.76 -27.15
C LEU C 230 -7.61 -34.88 -28.26
N ALA C 231 -8.17 -36.07 -28.41
CA ALA C 231 -9.20 -36.35 -29.40
C ALA C 231 -10.28 -35.27 -29.40
N ARG C 232 -10.83 -35.01 -28.22
CA ARG C 232 -11.95 -34.08 -28.05
C ARG C 232 -11.58 -32.65 -28.42
N LEU C 233 -10.41 -32.20 -28.00
CA LEU C 233 -9.91 -30.88 -28.38
C LEU C 233 -9.77 -30.74 -29.89
N ARG C 234 -9.30 -31.79 -30.54
CA ARG C 234 -9.09 -31.80 -32.00
C ARG C 234 -10.35 -31.44 -32.78
N ASN C 235 -11.52 -31.73 -32.20
CA ASN C 235 -12.81 -31.33 -32.79
C ASN C 235 -13.17 -29.88 -32.48
N GLU C 236 -12.89 -29.42 -31.26
CA GLU C 236 -13.20 -28.04 -30.84
C GLU C 236 -12.24 -27.04 -31.49
N MET C 237 -11.01 -27.48 -31.76
CA MET C 237 -9.97 -26.62 -32.31
C MET C 237 -8.93 -27.42 -33.09
N ASP C 238 -8.27 -26.75 -34.04
CA ASP C 238 -7.25 -27.41 -34.86
C ASP C 238 -5.89 -27.22 -34.18
N ASP C 239 -5.13 -28.31 -34.06
CA ASP C 239 -3.84 -28.33 -33.39
C ASP C 239 -3.89 -27.65 -32.02
N PRO C 240 -4.40 -28.37 -31.00
CA PRO C 240 -4.45 -27.84 -29.65
C PRO C 240 -3.07 -27.75 -29.01
N ALA C 241 -2.17 -28.65 -29.41
CA ALA C 241 -0.78 -28.61 -28.94
C ALA C 241 -0.06 -27.33 -29.37
N LEU C 242 -0.49 -26.75 -30.50
CA LEU C 242 0.08 -25.50 -30.99
C LEU C 242 -0.51 -24.29 -30.27
N HIS C 243 -1.82 -24.30 -30.03
CA HIS C 243 -2.49 -23.18 -29.35
C HIS C 243 -1.90 -22.90 -27.97
N ILE C 244 -1.34 -23.94 -27.35
CA ILE C 244 -0.66 -23.80 -26.07
C ILE C 244 0.68 -23.12 -26.28
N ALA C 245 1.41 -23.55 -27.31
CA ALA C 245 2.70 -22.95 -27.66
C ALA C 245 2.52 -21.49 -28.06
N ASP C 246 1.57 -21.22 -28.95
CA ASP C 246 1.32 -19.86 -29.43
C ASP C 246 0.84 -18.94 -28.30
N ALA C 247 -0.03 -19.45 -27.43
CA ALA C 247 -0.51 -18.67 -26.28
C ALA C 247 0.66 -18.23 -25.39
N ARG C 248 1.66 -19.09 -25.27
CA ARG C 248 2.85 -18.79 -24.47
C ARG C 248 3.77 -17.79 -25.16
N TYR C 249 3.91 -17.91 -26.48
CA TYR C 249 4.69 -16.95 -27.26
C TYR C 249 4.08 -15.56 -27.15
N GLN C 250 2.76 -15.50 -27.35
CA GLN C 250 2.00 -14.25 -27.24
C GLN C 250 2.26 -13.57 -25.90
N CYS C 251 2.12 -14.35 -24.83
CA CYS C 251 2.32 -13.85 -23.48
C CYS C 251 3.70 -13.20 -23.34
N ILE C 252 4.74 -14.01 -23.50
CA ILE C 252 6.12 -13.54 -23.35
C ILE C 252 6.41 -12.34 -24.26
N ALA C 253 6.14 -12.51 -25.54
CA ALA C 253 6.34 -11.44 -26.53
C ALA C 253 5.60 -10.18 -26.15
N ALA C 254 4.35 -10.37 -25.70
CA ALA C 254 3.51 -9.26 -25.24
C ALA C 254 4.18 -8.46 -24.16
N ILE C 255 4.82 -9.17 -23.23
CA ILE C 255 5.48 -8.54 -22.09
C ILE C 255 6.75 -7.78 -22.50
N CYS C 256 7.55 -8.38 -23.38
CA CYS C 256 8.77 -7.73 -23.87
C CYS C 256 8.48 -6.40 -24.58
N ASP C 257 7.35 -6.32 -25.29
CA ASP C 257 6.95 -5.08 -25.97
C ASP C 257 6.58 -3.98 -24.99
N VAL C 258 5.95 -4.34 -23.88
CA VAL C 258 5.56 -3.37 -22.86
C VAL C 258 6.74 -2.98 -21.97
N VAL C 259 7.61 -3.96 -21.71
CA VAL C 259 8.67 -3.81 -20.71
C VAL C 259 9.99 -3.40 -21.33
N SER C 260 10.39 -4.09 -22.39
CA SER C 260 11.68 -3.87 -23.02
C SER C 260 11.61 -2.76 -24.06
N ASN C 261 12.77 -2.41 -24.62
CA ASN C 261 12.89 -1.39 -25.64
C ASN C 261 12.55 -1.95 -27.04
N THR C 262 12.33 -3.26 -27.14
CA THR C 262 11.97 -3.91 -28.41
C THR C 262 10.46 -3.83 -28.66
MG MG D . 17.03 29.11 0.90
PG GCP E . 19.81 27.39 1.00
O1G GCP E . 21.25 27.58 1.37
O2G GCP E . 19.00 28.66 1.20
O3G GCP E . 19.18 26.14 1.58
C3B GCP E . 19.81 27.17 -0.81
PB GCP E . 18.14 26.84 -1.45
O1B GCP E . 17.76 25.45 -0.98
O2B GCP E . 17.22 27.94 -1.01
O3A GCP E . 18.20 26.81 -3.06
PA GCP E . 18.05 28.16 -3.92
O1A GCP E . 16.99 27.97 -4.97
O2A GCP E . 17.92 29.35 -2.98
O5' GCP E . 19.46 28.35 -4.63
C5' GCP E . 20.19 27.26 -5.21
C4' GCP E . 20.40 27.48 -6.71
O4' GCP E . 19.76 26.38 -7.34
C3' GCP E . 19.76 28.77 -7.27
O3' GCP E . 20.73 29.62 -7.90
C2' GCP E . 18.75 28.34 -8.31
O2' GCP E . 18.94 29.05 -9.53
C1' GCP E . 19.14 26.89 -8.52
N9 GCP E . 18.07 26.02 -9.09
C8 GCP E . 16.83 25.65 -8.67
N7 GCP E . 16.25 24.83 -9.61
C5 GCP E . 17.15 24.66 -10.62
C6 GCP E . 17.26 23.94 -11.92
O6 GCP E . 16.33 23.24 -12.36
N1 GCP E . 18.41 24.08 -12.65
C2 GCP E . 19.45 24.83 -12.22
N2 GCP E . 20.59 24.96 -12.95
N3 GCP E . 19.41 25.50 -11.05
C4 GCP E . 18.32 25.46 -10.25
MG MG F . -26.51 22.42 8.09
PG GCP G . -27.47 21.66 5.21
O1G GCP G . -27.46 22.71 4.12
O2G GCP G . -26.51 21.93 6.34
O3G GCP G . -27.41 20.23 4.71
C3B GCP G . -29.12 21.84 5.92
PB GCP G . -29.23 20.86 7.42
O1B GCP G . -29.05 19.41 7.07
O2B GCP G . -28.27 21.43 8.43
O3A GCP G . -30.74 21.01 7.94
PA GCP G . -31.16 22.27 8.84
O1A GCP G . -30.95 21.94 10.29
O2A GCP G . -30.45 23.47 8.27
O5' GCP G . -32.74 22.37 8.61
C5' GCP G . -33.37 21.95 7.39
C4' GCP G . -34.86 22.32 7.39
O4' GCP G . -35.62 21.25 7.95
C3' GCP G . -35.19 23.54 8.24
O3' GCP G . -36.22 24.26 7.56
C2' GCP G . -35.72 22.99 9.54
O2' GCP G . -36.70 23.82 10.15
C1' GCP G . -36.35 21.69 9.11
N9 GCP G . -36.26 20.67 10.18
C8 GCP G . -35.16 20.30 10.84
N7 GCP G . -35.45 19.35 11.77
C5 GCP G . -36.77 19.10 11.70
C6 GCP G . -37.75 18.23 12.39
O6 GCP G . -37.38 17.44 13.30
N1 GCP G . -39.03 18.29 12.02
C2 GCP G . -39.46 19.13 11.05
N2 GCP G . -40.76 19.14 10.72
N3 GCP G . -38.62 19.96 10.39
C4 GCP G . -37.29 19.99 10.65
MG MG H . 27.89 -21.92 -14.45
PG GCP I . 27.72 -21.80 -17.46
O1G GCP I . 28.32 -22.23 -18.78
O2G GCP I . 28.43 -22.27 -16.21
O3G GCP I . 26.22 -22.03 -17.50
C3B GCP I . 28.03 -20.02 -17.43
PB GCP I . 27.35 -19.14 -15.99
O1B GCP I . 25.90 -18.85 -16.26
O2B GCP I . 27.70 -19.89 -14.73
O3A GCP I . 28.11 -17.71 -15.96
PA GCP I . 29.41 -17.50 -15.04
O1A GCP I . 28.93 -16.88 -13.75
O2A GCP I . 30.19 -18.80 -15.04
O5' GCP I . 30.24 -16.37 -15.82
C5' GCP I . 30.53 -16.43 -17.22
C4' GCP I . 30.97 -15.02 -17.60
O4' GCP I . 29.93 -14.10 -17.29
C3' GCP I . 32.22 -14.56 -16.84
O3' GCP I . 33.23 -14.13 -17.76
C2' GCP I . 31.74 -13.43 -15.94
O2' GCP I . 32.67 -12.36 -15.79
C1' GCP I . 30.55 -12.94 -16.72
N9 GCP I . 29.60 -12.11 -15.96
C8 GCP I . 29.04 -12.33 -14.75
N7 GCP I . 28.23 -11.28 -14.43
C5 GCP I . 28.28 -10.40 -15.44
C6 GCP I . 27.69 -9.09 -15.77
O6 GCP I . 26.90 -8.57 -14.98
N1 GCP I . 28.00 -8.49 -16.93
C2 GCP I . 28.84 -9.05 -17.81
N2 GCP I . 29.10 -8.38 -18.95
N3 GCP I . 29.43 -10.26 -17.58
C4 GCP I . 29.19 -10.95 -16.44
#